data_1XAL
#
_entry.id   1XAL
#
_cell.length_a   55.100
_cell.length_b   55.100
_cell.length_c   232.319
_cell.angle_alpha   90.00
_cell.angle_beta   90.00
_cell.angle_gamma   90.00
#
_symmetry.space_group_name_H-M   'P 43'
#
loop_
_entity.id
_entity.type
_entity.pdbx_description
1 polymer '3-dehydroquinate synthase'
2 non-polymer 'ZINC ION'
3 non-polymer NICOTINAMIDE-ADENINE-DINUCLEOTIDE
4 non-polymer '[1R-(1ALPHA,3BETA,4ALPHA,5BETA)]-5-(PHOSPHONOMETHYL)-1,3,4-TRIHYDROXYCYCLOHEXANE-1-CARBOXYLIC ACID'
5 water water
#
_entity_poly.entity_id   1
_entity_poly.type   'polypeptide(L)'
_entity_poly.pdbx_seq_one_letter_code
;MKLQTTYPSNNYPIYVEHGAIKYIGTYLNQFDQSFLLIDEYVNQYFANKFDDILSYENVHKVIIPAGEKTKTFEQYQETL
EYILSHHVTRNTAIIAVGGGATGDFAGFVAATLLRGVHFIQVPTTILAHDSSVGGKVGINSKQGKNLIGAFYRPTAVIYD
LDFLKTLPFKQILSGYAEVYKHALLNGESATQDIEQHFKDREILQSLNGMDKYIAKGIETKLDIVVADEKEQGVRKFLNL
GHTFGHAVEYYHKIPHGHAVMVGIIYQFIVANALFDSKHDISHYIQYLIQLGYPLDMITDLDFETLYQYMLSDKKNDKQG
VQMVLMRQFGDIVVQHVDQLTLQHACEQLKTYFK
;
_entity_poly.pdbx_strand_id   A,B
#
loop_
_chem_comp.id
_chem_comp.type
_chem_comp.name
_chem_comp.formula
CRB non-polymer '[1R-(1ALPHA,3BETA,4ALPHA,5BETA)]-5-(PHOSPHONOMETHYL)-1,3,4-TRIHYDROXYCYCLOHEXANE-1-CARBOXYLIC ACID' 'C8 H15 O8 P'
NAD non-polymer NICOTINAMIDE-ADENINE-DINUCLEOTIDE 'C21 H27 N7 O14 P2'
ZN non-polymer 'ZINC ION' 'Zn 2'
#
# COMPACT_ATOMS: atom_id res chain seq x y z
N MET A 1 15.15 15.62 -22.96
CA MET A 1 15.56 15.42 -21.54
C MET A 1 14.72 14.36 -20.84
N LYS A 2 15.40 13.38 -20.25
CA LYS A 2 14.73 12.32 -19.52
C LYS A 2 15.58 11.89 -18.33
N LEU A 3 14.91 11.54 -17.25
CA LEU A 3 15.56 11.09 -16.04
C LEU A 3 14.94 9.74 -15.68
N GLN A 4 15.68 8.92 -14.97
CA GLN A 4 15.19 7.61 -14.59
C GLN A 4 15.72 7.22 -13.22
N THR A 5 14.97 6.39 -12.51
CA THR A 5 15.38 5.94 -11.18
C THR A 5 16.62 5.06 -11.25
N THR A 6 17.30 4.90 -10.12
CA THR A 6 18.51 4.09 -10.05
C THR A 6 18.39 2.84 -9.17
N TYR A 7 17.23 2.64 -8.54
CA TYR A 7 17.02 1.47 -7.67
C TYR A 7 17.53 0.18 -8.29
N PRO A 8 17.72 -0.86 -7.47
CA PRO A 8 18.21 -2.15 -8.00
C PRO A 8 17.28 -2.79 -9.03
N SER A 9 15.98 -2.66 -8.80
CA SER A 9 14.98 -3.21 -9.71
C SER A 9 13.68 -2.43 -9.56
N ASN A 10 12.80 -2.55 -10.56
CA ASN A 10 11.51 -1.87 -10.57
C ASN A 10 11.69 -0.35 -10.71
N ASN A 11 12.51 0.05 -11.69
CA ASN A 11 12.78 1.45 -11.93
C ASN A 11 11.91 2.13 -12.98
N TYR A 12 11.46 3.35 -12.68
CA TYR A 12 10.62 4.10 -13.58
C TYR A 12 11.28 5.34 -14.19
N PRO A 13 10.82 5.74 -15.39
CA PRO A 13 11.33 6.90 -16.12
C PRO A 13 10.58 8.19 -15.77
N ILE A 14 11.21 9.33 -16.05
CA ILE A 14 10.61 10.62 -15.78
C ILE A 14 10.86 11.52 -16.97
N TYR A 15 10.01 11.40 -17.99
CA TYR A 15 10.15 12.20 -19.19
C TYR A 15 9.85 13.65 -18.86
N VAL A 16 10.88 14.49 -18.82
CA VAL A 16 10.69 15.90 -18.51
C VAL A 16 10.92 16.78 -19.74
N GLU A 17 9.85 17.16 -20.42
CA GLU A 17 9.99 18.01 -21.59
C GLU A 17 8.68 18.59 -22.12
N HIS A 18 8.82 19.62 -22.95
CA HIS A 18 7.68 20.29 -23.57
C HIS A 18 7.06 19.40 -24.63
N GLY A 19 5.82 18.99 -24.40
CA GLY A 19 5.13 18.15 -25.35
C GLY A 19 5.20 16.67 -25.03
N ALA A 20 5.77 16.33 -23.87
CA ALA A 20 5.91 14.95 -23.45
C ALA A 20 4.58 14.21 -23.30
N ILE A 21 3.48 14.91 -23.53
CA ILE A 21 2.16 14.29 -23.42
C ILE A 21 2.04 13.23 -24.52
N LYS A 22 2.94 13.32 -25.50
CA LYS A 22 2.96 12.39 -26.64
C LYS A 22 3.37 10.99 -26.17
N TYR A 23 4.37 10.94 -25.29
CA TYR A 23 4.89 9.69 -24.75
C TYR A 23 3.82 8.79 -24.14
N ILE A 24 2.64 9.35 -23.89
CA ILE A 24 1.57 8.58 -23.26
C ILE A 24 1.00 7.41 -24.05
N GLY A 25 0.79 7.57 -25.35
CA GLY A 25 0.26 6.47 -26.13
C GLY A 25 1.12 5.22 -26.09
N THR A 26 2.43 5.39 -26.21
CA THR A 26 3.40 4.29 -26.22
C THR A 26 3.20 3.20 -25.15
N TYR A 27 2.39 3.49 -24.15
CA TYR A 27 2.10 2.54 -23.07
C TYR A 27 0.65 2.09 -23.21
N LEU A 28 -0.24 3.05 -22.96
CA LEU A 28 -1.69 2.89 -23.00
C LEU A 28 -2.29 1.63 -23.62
N ASN A 29 -1.91 1.32 -24.85
CA ASN A 29 -2.47 0.16 -25.53
C ASN A 29 -1.72 -1.14 -25.31
N GLN A 30 -1.28 -1.32 -24.06
CA GLN A 30 -0.56 -2.51 -23.64
C GLN A 30 -1.16 -2.85 -22.27
N PHE A 31 -2.38 -2.37 -22.06
CA PHE A 31 -3.13 -2.60 -20.83
C PHE A 31 -4.52 -3.09 -21.19
N ASP A 32 -5.11 -3.90 -20.33
CA ASP A 32 -6.46 -4.39 -20.57
C ASP A 32 -7.37 -3.17 -20.70
N GLN A 33 -7.27 -2.27 -19.73
CA GLN A 33 -8.04 -1.03 -19.71
C GLN A 33 -7.18 0.03 -19.05
N SER A 34 -7.68 1.26 -19.02
CA SER A 34 -6.95 2.36 -18.39
C SER A 34 -7.91 3.47 -17.96
N PHE A 35 -7.85 3.83 -16.68
CA PHE A 35 -8.71 4.87 -16.13
C PHE A 35 -7.98 6.19 -16.02
N LEU A 36 -8.58 7.23 -16.58
CA LEU A 36 -7.98 8.55 -16.56
C LEU A 36 -8.57 9.35 -15.41
N LEU A 37 -7.79 9.53 -14.35
CA LEU A 37 -8.25 10.33 -13.22
C LEU A 37 -7.73 11.75 -13.44
N ILE A 38 -8.64 12.70 -13.54
CA ILE A 38 -8.26 14.08 -13.80
C ILE A 38 -8.98 15.13 -12.97
N ASP A 39 -8.24 16.19 -12.65
CA ASP A 39 -8.72 17.32 -11.86
C ASP A 39 -9.96 17.91 -12.54
N GLU A 40 -10.97 18.29 -11.76
CA GLU A 40 -12.19 18.86 -12.32
C GLU A 40 -11.87 20.10 -13.15
N TYR A 41 -11.01 20.96 -12.60
CA TYR A 41 -10.59 22.19 -13.29
C TYR A 41 -9.65 21.82 -14.42
N VAL A 42 -8.62 21.03 -14.09
CA VAL A 42 -7.66 20.61 -15.11
C VAL A 42 -8.36 19.94 -16.28
N ASN A 43 -9.39 19.16 -15.99
CA ASN A 43 -10.14 18.51 -17.07
C ASN A 43 -10.68 19.55 -18.03
N GLN A 44 -11.14 20.66 -17.48
CA GLN A 44 -11.66 21.75 -18.28
C GLN A 44 -10.51 22.20 -19.17
N TYR A 45 -9.46 22.66 -18.51
CA TYR A 45 -8.27 23.15 -19.18
C TYR A 45 -7.75 22.33 -20.36
N PHE A 46 -7.67 21.00 -20.22
CA PHE A 46 -7.13 20.18 -21.30
C PHE A 46 -7.96 18.98 -21.76
N ALA A 47 -9.28 19.04 -21.56
CA ALA A 47 -10.14 17.94 -21.96
C ALA A 47 -9.94 17.51 -23.42
N ASN A 48 -9.69 18.48 -24.28
CA ASN A 48 -9.51 18.19 -25.71
C ASN A 48 -8.21 17.46 -26.03
N LYS A 49 -7.11 18.00 -25.55
CA LYS A 49 -5.79 17.44 -25.78
C LYS A 49 -5.70 15.93 -25.56
N PHE A 50 -6.66 15.37 -24.82
CA PHE A 50 -6.67 13.94 -24.53
C PHE A 50 -7.60 13.12 -25.42
N ASP A 51 -8.55 13.77 -26.08
CA ASP A 51 -9.44 13.06 -26.97
C ASP A 51 -8.59 12.27 -27.94
N ASP A 52 -7.45 12.84 -28.28
CA ASP A 52 -6.49 12.25 -29.20
C ASP A 52 -6.13 10.85 -28.73
N ILE A 53 -6.74 10.40 -27.63
CA ILE A 53 -6.51 9.08 -27.07
C ILE A 53 -7.74 8.68 -26.26
N ASN A 58 -10.20 1.22 -24.63
CA ASN A 58 -9.47 0.74 -23.47
C ASN A 58 -9.13 1.88 -22.52
N VAL A 59 -9.84 3.00 -22.63
CA VAL A 59 -9.59 4.16 -21.77
C VAL A 59 -10.88 4.84 -21.32
N HIS A 60 -11.05 4.92 -20.00
CA HIS A 60 -12.23 5.54 -19.39
C HIS A 60 -11.79 6.75 -18.57
N LYS A 61 -12.32 7.92 -18.86
CA LYS A 61 -11.95 9.08 -18.08
C LYS A 61 -12.76 9.10 -16.80
N VAL A 62 -12.09 9.48 -15.72
CA VAL A 62 -12.69 9.56 -14.40
C VAL A 62 -12.32 10.95 -13.86
N ILE A 63 -13.25 11.89 -13.95
CA ILE A 63 -13.00 13.24 -13.46
C ILE A 63 -13.14 13.27 -11.95
N ILE A 64 -12.09 13.75 -11.27
CA ILE A 64 -12.09 13.84 -9.82
C ILE A 64 -12.11 15.29 -9.35
N PRO A 65 -12.41 15.52 -8.06
CA PRO A 65 -12.46 16.86 -7.48
C PRO A 65 -11.22 17.70 -7.75
N ALA A 66 -11.39 19.02 -7.65
CA ALA A 66 -10.28 19.93 -7.87
C ALA A 66 -9.39 20.06 -6.65
N GLY A 67 -8.09 19.87 -6.87
CA GLY A 67 -7.11 19.98 -5.81
C GLY A 67 -7.30 19.11 -4.58
N GLU A 68 -6.88 19.65 -3.44
CA GLU A 68 -6.94 18.98 -2.14
C GLU A 68 -8.30 18.38 -1.79
N LYS A 69 -9.36 18.84 -2.47
CA LYS A 69 -10.72 18.34 -2.24
C LYS A 69 -10.87 16.86 -2.56
N THR A 70 -9.99 16.37 -3.37
CA THR A 70 -10.08 14.99 -3.80
C THR A 70 -9.44 14.02 -2.81
N LYS A 71 -8.53 14.52 -1.99
CA LYS A 71 -7.82 13.67 -1.04
C LYS A 71 -8.54 13.37 0.29
N THR A 72 -9.63 12.61 0.23
CA THR A 72 -10.45 12.22 1.40
C THR A 72 -10.80 10.75 1.29
N PHE A 73 -11.17 10.12 2.43
CA PHE A 73 -11.57 8.71 2.40
C PHE A 73 -12.77 8.59 1.50
N GLU A 74 -13.75 9.43 1.79
CA GLU A 74 -15.01 9.49 1.04
C GLU A 74 -14.76 9.38 -0.46
N GLN A 75 -13.86 10.22 -0.96
CA GLN A 75 -13.48 10.21 -2.39
C GLN A 75 -12.70 8.98 -2.84
N TYR A 76 -11.96 8.36 -1.92
CA TYR A 76 -11.18 7.13 -2.25
C TYR A 76 -12.06 5.94 -2.50
N GLN A 77 -13.03 5.76 -1.61
CA GLN A 77 -13.99 4.69 -1.71
C GLN A 77 -14.83 4.81 -2.96
N GLU A 78 -15.53 5.93 -3.09
CA GLU A 78 -16.37 6.15 -4.25
C GLU A 78 -15.65 5.78 -5.54
N THR A 79 -14.51 6.41 -5.78
CA THR A 79 -13.72 6.14 -6.98
C THR A 79 -13.45 4.66 -7.19
N LEU A 80 -12.75 4.06 -6.25
CA LEU A 80 -12.44 2.64 -6.32
C LEU A 80 -13.63 1.85 -6.83
N GLU A 81 -14.70 1.83 -6.05
CA GLU A 81 -15.93 1.12 -6.41
C GLU A 81 -16.25 1.30 -7.89
N TYR A 82 -16.31 2.56 -8.33
CA TYR A 82 -16.59 2.86 -9.72
C TYR A 82 -15.62 2.04 -10.56
N ILE A 83 -14.33 2.26 -10.33
CA ILE A 83 -13.29 1.55 -11.09
C ILE A 83 -13.43 0.03 -10.99
N LEU A 84 -14.13 -0.44 -9.98
CA LEU A 84 -14.30 -1.88 -9.78
C LEU A 84 -15.44 -2.45 -10.59
N SER A 85 -16.51 -1.68 -10.74
CA SER A 85 -17.67 -2.13 -11.50
C SER A 85 -17.32 -2.35 -12.96
N HIS A 86 -16.04 -2.34 -13.26
CA HIS A 86 -15.55 -2.54 -14.62
C HIS A 86 -14.78 -3.84 -14.77
N HIS A 87 -15.11 -4.82 -13.92
CA HIS A 87 -14.47 -6.13 -13.96
C HIS A 87 -13.00 -5.99 -14.35
N VAL A 88 -12.33 -4.97 -13.80
CA VAL A 88 -10.93 -4.70 -14.11
C VAL A 88 -10.02 -5.91 -13.93
N THR A 89 -8.72 -5.69 -14.10
CA THR A 89 -7.72 -6.75 -13.96
C THR A 89 -6.39 -6.17 -13.47
N ARG A 90 -5.53 -7.02 -12.93
CA ARG A 90 -4.24 -6.57 -12.40
C ARG A 90 -3.42 -5.77 -13.42
N ASN A 91 -3.64 -6.02 -14.70
CA ASN A 91 -2.91 -5.31 -15.73
C ASN A 91 -3.67 -4.06 -16.20
N THR A 92 -4.19 -3.30 -15.25
CA THR A 92 -4.92 -2.09 -15.56
C THR A 92 -4.05 -0.93 -15.12
N ALA A 93 -4.27 0.25 -15.71
CA ALA A 93 -3.46 1.40 -15.37
C ALA A 93 -4.27 2.60 -14.87
N ILE A 94 -3.69 3.30 -13.91
CA ILE A 94 -4.29 4.51 -13.35
C ILE A 94 -3.43 5.66 -13.87
N ILE A 95 -4.07 6.65 -14.48
CA ILE A 95 -3.34 7.79 -15.01
C ILE A 95 -3.72 9.11 -14.34
N ALA A 96 -2.81 9.64 -13.53
CA ALA A 96 -3.03 10.88 -12.81
C ALA A 96 -2.72 12.11 -13.66
N VAL A 97 -3.76 12.86 -14.00
CA VAL A 97 -3.60 14.06 -14.79
C VAL A 97 -3.92 15.27 -13.93
N GLY A 98 -2.88 15.91 -13.40
CA GLY A 98 -3.08 17.07 -12.57
C GLY A 98 -1.98 17.37 -11.58
N GLY A 99 -2.32 18.16 -10.56
CA GLY A 99 -1.37 18.52 -9.54
C GLY A 99 -1.02 17.35 -8.63
N GLY A 100 -0.24 17.61 -7.60
CA GLY A 100 0.15 16.56 -6.68
C GLY A 100 -1.04 15.95 -5.98
N ALA A 101 -2.07 16.75 -5.76
CA ALA A 101 -3.28 16.27 -5.09
C ALA A 101 -3.91 15.16 -5.93
N THR A 102 -3.88 15.32 -7.25
CA THR A 102 -4.46 14.34 -8.16
C THR A 102 -3.58 13.09 -8.18
N GLY A 103 -2.27 13.28 -8.28
CA GLY A 103 -1.36 12.15 -8.29
C GLY A 103 -1.41 11.42 -6.96
N ASP A 104 -1.12 12.14 -5.87
CA ASP A 104 -1.13 11.55 -4.53
C ASP A 104 -2.36 10.69 -4.32
N PHE A 105 -3.50 11.18 -4.80
CA PHE A 105 -4.75 10.45 -4.66
C PHE A 105 -4.79 9.25 -5.60
N ALA A 106 -4.90 9.53 -6.90
CA ALA A 106 -4.97 8.49 -7.92
C ALA A 106 -3.97 7.40 -7.61
N GLY A 107 -2.74 7.80 -7.31
CA GLY A 107 -1.71 6.83 -6.99
C GLY A 107 -2.15 5.90 -5.88
N PHE A 108 -2.63 6.47 -4.77
CA PHE A 108 -3.07 5.64 -3.66
C PHE A 108 -4.06 4.62 -4.17
N VAL A 109 -4.96 5.08 -5.03
CA VAL A 109 -5.96 4.21 -5.64
C VAL A 109 -5.22 3.09 -6.37
N ALA A 110 -4.32 3.49 -7.26
CA ALA A 110 -3.53 2.55 -8.04
C ALA A 110 -2.66 1.67 -7.17
N ALA A 111 -2.32 2.16 -5.99
CA ALA A 111 -1.47 1.39 -5.08
C ALA A 111 -2.27 0.33 -4.36
N THR A 112 -3.57 0.59 -4.18
CA THR A 112 -4.41 -0.35 -3.47
C THR A 112 -5.30 -1.22 -4.34
N LEU A 113 -5.78 -0.65 -5.45
CA LEU A 113 -6.65 -1.39 -6.35
C LEU A 113 -6.04 -2.76 -6.69
N LEU A 114 -6.70 -3.82 -6.24
CA LEU A 114 -6.23 -5.18 -6.47
C LEU A 114 -4.81 -5.33 -5.97
N ARG A 115 -4.53 -4.73 -4.81
CA ARG A 115 -3.21 -4.79 -4.18
C ARG A 115 -2.09 -4.15 -4.99
N GLY A 116 -2.44 -3.56 -6.13
CA GLY A 116 -1.42 -2.92 -6.94
C GLY A 116 -1.56 -3.09 -8.43
N VAL A 117 -2.01 -2.04 -9.10
CA VAL A 117 -2.17 -2.06 -10.55
C VAL A 117 -1.07 -1.17 -11.13
N HIS A 118 -1.23 -0.73 -12.36
CA HIS A 118 -0.22 0.12 -12.99
C HIS A 118 -0.48 1.59 -12.74
N PHE A 119 0.58 2.34 -12.51
CA PHE A 119 0.45 3.75 -12.21
C PHE A 119 1.22 4.66 -13.16
N ILE A 120 0.51 5.61 -13.79
CA ILE A 120 1.14 6.56 -14.69
C ILE A 120 0.92 8.00 -14.24
N GLN A 121 2.00 8.76 -14.14
CA GLN A 121 1.94 10.14 -13.69
C GLN A 121 2.08 11.20 -14.80
N VAL A 122 1.01 11.96 -14.97
CA VAL A 122 0.96 13.03 -15.95
C VAL A 122 0.82 14.32 -15.15
N PRO A 123 1.90 14.74 -14.47
CA PRO A 123 1.92 15.96 -13.67
C PRO A 123 1.69 17.20 -14.52
N THR A 124 0.81 18.07 -14.04
CA THR A 124 0.48 19.30 -14.77
C THR A 124 0.87 20.60 -14.09
N THR A 125 1.29 20.54 -12.82
CA THR A 125 1.68 21.77 -12.13
C THR A 125 3.19 21.84 -11.94
N ILE A 126 3.67 22.98 -11.45
CA ILE A 126 5.10 23.16 -11.19
C ILE A 126 5.46 22.37 -9.94
N LEU A 127 4.63 22.53 -8.93
CA LEU A 127 4.84 21.83 -7.68
C LEU A 127 4.92 20.31 -7.94
N ALA A 128 4.23 19.85 -8.97
CA ALA A 128 4.20 18.43 -9.33
C ALA A 128 5.54 17.88 -9.80
N HIS A 129 6.59 18.70 -9.79
CA HIS A 129 7.91 18.24 -10.20
C HIS A 129 8.53 17.51 -9.02
N ASP A 130 7.81 17.59 -7.89
CA ASP A 130 8.22 16.96 -6.65
C ASP A 130 7.23 15.86 -6.32
N SER A 131 5.95 16.17 -6.44
CA SER A 131 4.88 15.21 -6.15
C SER A 131 4.84 13.99 -7.06
N SER A 132 5.27 14.18 -8.32
CA SER A 132 5.27 13.11 -9.31
C SER A 132 6.39 12.10 -9.08
N VAL A 133 7.40 12.49 -8.32
CA VAL A 133 8.54 11.63 -8.04
C VAL A 133 8.60 11.04 -6.62
N GLY A 134 9.13 9.82 -6.50
CA GLY A 134 9.24 9.18 -5.20
C GLY A 134 8.16 8.17 -4.90
N GLY A 135 6.99 8.31 -5.53
CA GLY A 135 5.90 7.38 -5.29
C GLY A 135 5.30 7.46 -3.90
N LYS A 136 5.11 8.67 -3.39
CA LYS A 136 4.55 8.86 -2.07
C LYS A 136 3.06 9.18 -2.11
N VAL A 137 2.26 8.24 -2.62
CA VAL A 137 0.82 8.42 -2.72
C VAL A 137 0.16 8.46 -1.34
N GLY A 138 -1.09 8.91 -1.28
CA GLY A 138 -1.79 8.98 -0.01
C GLY A 138 -2.88 10.05 0.02
N ILE A 139 -3.73 10.02 1.05
CA ILE A 139 -4.80 10.99 1.18
C ILE A 139 -4.80 11.64 2.57
N ASN A 140 -5.71 12.58 2.78
CA ASN A 140 -5.80 13.29 4.06
C ASN A 140 -6.71 12.66 5.11
N SER A 141 -6.53 13.11 6.35
CA SER A 141 -7.31 12.65 7.49
C SER A 141 -7.82 13.86 8.26
N LYS A 142 -8.66 13.63 9.27
CA LYS A 142 -9.16 14.72 10.07
C LYS A 142 -8.09 15.11 11.09
N GLN A 143 -6.92 14.48 10.97
CA GLN A 143 -5.82 14.75 11.87
C GLN A 143 -4.68 15.51 11.20
N GLY A 144 -4.71 15.58 9.87
CA GLY A 144 -3.66 16.30 9.16
C GLY A 144 -3.44 15.97 7.69
N LYS A 145 -2.30 16.45 7.19
CA LYS A 145 -1.91 16.25 5.81
C LYS A 145 -1.38 14.86 5.51
N ASN A 146 -2.14 14.12 4.71
CA ASN A 146 -1.77 12.77 4.30
C ASN A 146 -1.26 11.87 5.43
N LEU A 147 -2.17 11.30 6.20
CA LEU A 147 -1.80 10.39 7.29
C LEU A 147 -2.06 8.96 6.82
N ILE A 148 -2.79 8.86 5.71
CA ILE A 148 -3.10 7.58 5.10
C ILE A 148 -2.47 7.62 3.72
N GLY A 149 -1.81 6.52 3.35
CA GLY A 149 -1.18 6.50 2.04
C GLY A 149 -0.21 5.36 1.90
N ALA A 150 0.75 5.52 0.99
CA ALA A 150 1.73 4.49 0.76
C ALA A 150 2.82 4.90 -0.21
N PHE A 151 3.86 4.06 -0.28
CA PHE A 151 4.95 4.29 -1.20
C PHE A 151 4.62 3.35 -2.33
N TYR A 152 4.47 3.90 -3.53
CA TYR A 152 4.14 3.08 -4.68
C TYR A 152 4.78 3.67 -5.92
N ARG A 153 5.91 3.10 -6.31
CA ARG A 153 6.63 3.59 -7.48
C ARG A 153 5.73 3.64 -8.71
N PRO A 154 5.57 4.84 -9.29
CA PRO A 154 4.73 4.97 -10.48
C PRO A 154 5.38 4.19 -11.61
N THR A 155 4.57 3.69 -12.54
CA THR A 155 5.11 2.94 -13.67
C THR A 155 6.00 3.86 -14.51
N ALA A 156 5.64 5.14 -14.57
CA ALA A 156 6.41 6.15 -15.33
C ALA A 156 5.84 7.55 -15.11
N VAL A 157 6.67 8.57 -15.32
CA VAL A 157 6.27 9.97 -15.16
C VAL A 157 6.37 10.79 -16.45
N ILE A 158 5.23 11.24 -16.95
CA ILE A 158 5.20 12.07 -18.17
C ILE A 158 4.98 13.52 -17.77
N TYR A 159 6.06 14.27 -17.72
CA TYR A 159 5.97 15.68 -17.37
C TYR A 159 6.04 16.56 -18.61
N ASP A 160 4.87 16.93 -19.12
CA ASP A 160 4.78 17.79 -20.30
C ASP A 160 4.79 19.25 -19.82
N LEU A 161 5.95 19.89 -19.95
CA LEU A 161 6.12 21.27 -19.50
C LEU A 161 5.20 22.30 -20.14
N ASP A 162 4.42 21.87 -21.14
CA ASP A 162 3.50 22.77 -21.79
C ASP A 162 2.26 22.98 -20.93
N PHE A 163 2.05 22.08 -19.97
CA PHE A 163 0.91 22.19 -19.06
C PHE A 163 1.00 23.48 -18.27
N LEU A 164 2.22 23.81 -17.85
CA LEU A 164 2.52 24.98 -17.04
C LEU A 164 2.10 26.37 -17.54
N LYS A 165 2.11 26.57 -18.86
CA LYS A 165 1.75 27.86 -19.46
C LYS A 165 0.41 28.48 -19.06
N THR A 166 -0.38 27.76 -18.27
CA THR A 166 -1.70 28.24 -17.86
C THR A 166 -1.90 28.31 -16.35
N LEU A 167 -0.81 28.37 -15.60
CA LEU A 167 -0.89 28.39 -14.15
C LEU A 167 -0.98 29.80 -13.55
N PRO A 168 -2.10 30.10 -12.84
CA PRO A 168 -2.23 31.43 -12.22
C PRO A 168 -0.99 31.63 -11.35
N PHE A 169 -0.66 32.89 -11.05
CA PHE A 169 0.53 33.13 -10.24
C PHE A 169 0.40 32.37 -8.93
N LYS A 170 -0.81 32.43 -8.35
CA LYS A 170 -1.12 31.75 -7.09
C LYS A 170 -0.58 30.33 -7.05
N GLN A 171 -0.63 29.63 -8.18
CA GLN A 171 -0.12 28.26 -8.25
C GLN A 171 1.36 28.25 -8.64
N ILE A 172 1.82 29.29 -9.32
CA ILE A 172 3.22 29.37 -9.72
C ILE A 172 4.04 29.58 -8.44
N LEU A 173 3.63 30.54 -7.63
CA LEU A 173 4.30 30.82 -6.37
C LEU A 173 4.27 29.56 -5.51
N SER A 174 3.11 28.89 -5.50
CA SER A 174 2.96 27.68 -4.72
C SER A 174 4.05 26.68 -5.09
N GLY A 175 4.05 26.25 -6.35
CA GLY A 175 5.03 25.28 -6.81
C GLY A 175 6.49 25.66 -6.65
N TYR A 176 6.86 26.86 -7.11
CA TYR A 176 8.23 27.32 -7.02
C TYR A 176 8.90 27.04 -5.67
N ALA A 177 8.16 27.22 -4.60
CA ALA A 177 8.70 26.99 -3.25
C ALA A 177 9.45 25.66 -3.17
N GLU A 178 9.02 24.69 -3.98
CA GLU A 178 9.64 23.36 -4.00
C GLU A 178 10.87 23.38 -4.88
N VAL A 179 10.76 24.06 -6.00
CA VAL A 179 11.86 24.20 -6.92
C VAL A 179 12.97 24.88 -6.11
N TYR A 180 12.56 25.84 -5.27
CA TYR A 180 13.49 26.59 -4.44
C TYR A 180 14.00 25.75 -3.28
N LYS A 181 13.11 24.97 -2.66
CA LYS A 181 13.53 24.11 -1.56
C LYS A 181 14.68 23.25 -2.05
N HIS A 182 14.50 22.66 -3.23
CA HIS A 182 15.50 21.81 -3.85
C HIS A 182 16.79 22.54 -4.11
N ALA A 183 16.68 23.78 -4.58
CA ALA A 183 17.87 24.57 -4.83
C ALA A 183 18.60 24.64 -3.50
N LEU A 184 17.86 24.97 -2.45
CA LEU A 184 18.44 25.07 -1.13
C LEU A 184 19.20 23.80 -0.75
N LEU A 185 18.62 22.65 -1.09
CA LEU A 185 19.28 21.38 -0.77
C LEU A 185 20.42 21.04 -1.72
N ASN A 186 20.91 22.03 -2.46
CA ASN A 186 22.03 21.85 -3.38
C ASN A 186 23.09 22.88 -3.00
N GLY A 187 23.10 23.25 -1.72
CA GLY A 187 24.05 24.22 -1.24
C GLY A 187 23.86 25.57 -1.90
N GLU A 188 24.83 26.46 -1.70
CA GLU A 188 24.75 27.79 -2.29
C GLU A 188 24.70 27.74 -3.80
N SER A 189 25.72 27.15 -4.41
CA SER A 189 25.80 27.05 -5.87
C SER A 189 24.46 27.20 -6.59
N ALA A 190 23.48 26.39 -6.19
CA ALA A 190 22.17 26.43 -6.82
C ALA A 190 21.23 27.48 -6.24
N THR A 191 21.35 27.74 -4.94
CA THR A 191 20.49 28.72 -4.27
C THR A 191 20.63 30.12 -4.84
N GLN A 192 21.79 30.71 -4.60
CA GLN A 192 22.04 32.06 -5.05
C GLN A 192 22.08 32.15 -6.57
N ASP A 193 22.18 31.00 -7.23
CA ASP A 193 22.18 30.95 -8.69
C ASP A 193 20.73 31.19 -9.12
N ILE A 194 19.83 30.42 -8.54
CA ILE A 194 18.41 30.52 -8.85
C ILE A 194 17.89 31.88 -8.39
N GLU A 195 18.36 32.35 -7.22
CA GLU A 195 17.95 33.64 -6.71
C GLU A 195 18.27 34.74 -7.71
N GLN A 196 19.42 34.64 -8.36
CA GLN A 196 19.84 35.66 -9.34
C GLN A 196 19.11 35.57 -10.67
N HIS A 197 18.27 34.55 -10.83
CA HIS A 197 17.50 34.39 -12.07
C HIS A 197 16.11 34.93 -11.79
N PHE A 198 15.43 34.25 -10.89
CA PHE A 198 14.10 34.62 -10.48
C PHE A 198 14.29 35.57 -9.31
N LYS A 199 14.68 36.81 -9.60
CA LYS A 199 14.90 37.81 -8.57
C LYS A 199 13.73 38.75 -8.33
N ASP A 200 12.65 38.56 -9.08
CA ASP A 200 11.45 39.39 -8.93
C ASP A 200 10.20 38.74 -9.51
N ARG A 201 9.03 39.20 -9.04
CA ARG A 201 7.75 38.69 -9.49
C ARG A 201 7.66 38.69 -11.02
N GLU A 202 8.16 39.77 -11.61
CA GLU A 202 8.16 39.92 -13.05
C GLU A 202 8.76 38.66 -13.68
N ILE A 203 10.08 38.47 -13.51
CA ILE A 203 10.79 37.32 -14.06
C ILE A 203 10.15 35.97 -13.72
N LEU A 204 9.70 35.82 -12.48
CA LEU A 204 9.09 34.56 -12.07
C LEU A 204 7.85 34.30 -12.90
N GLN A 205 6.84 35.14 -12.69
CA GLN A 205 5.55 35.07 -13.38
C GLN A 205 5.71 34.78 -14.87
N SER A 206 6.87 35.13 -15.41
CA SER A 206 7.16 34.93 -16.83
C SER A 206 7.55 33.49 -17.18
N LEU A 207 7.83 32.68 -16.16
CA LEU A 207 8.20 31.28 -16.36
C LEU A 207 9.50 31.11 -17.12
N ASN A 208 10.14 32.22 -17.47
CA ASN A 208 11.37 32.17 -18.22
C ASN A 208 12.48 31.42 -17.48
N GLY A 209 13.02 30.41 -18.15
CA GLY A 209 14.09 29.64 -17.55
C GLY A 209 13.62 28.77 -16.41
N MET A 210 12.36 28.38 -16.42
CA MET A 210 11.88 27.52 -15.35
C MET A 210 12.24 26.09 -15.74
N ASP A 211 12.37 25.87 -17.04
CA ASP A 211 12.74 24.56 -17.56
C ASP A 211 13.99 24.11 -16.83
N LYS A 212 15.01 24.94 -16.90
CA LYS A 212 16.29 24.64 -16.27
C LYS A 212 16.18 24.25 -14.79
N TYR A 213 15.57 25.13 -13.99
CA TYR A 213 15.44 24.90 -12.56
C TYR A 213 14.57 23.75 -12.08
N ILE A 214 13.47 23.50 -12.79
CA ILE A 214 12.62 22.38 -12.42
C ILE A 214 13.43 21.11 -12.61
N ALA A 215 13.94 20.92 -13.83
CA ALA A 215 14.74 19.76 -14.18
C ALA A 215 15.79 19.43 -13.13
N LYS A 216 16.42 20.45 -12.54
CA LYS A 216 17.42 20.16 -11.53
C LYS A 216 16.78 19.80 -10.20
N GLY A 217 15.80 20.59 -9.77
CA GLY A 217 15.12 20.32 -8.52
C GLY A 217 14.69 18.86 -8.44
N ILE A 218 14.20 18.35 -9.57
CA ILE A 218 13.77 16.95 -9.66
C ILE A 218 14.94 16.00 -9.49
N GLU A 219 15.94 16.15 -10.35
CA GLU A 219 17.12 15.30 -10.32
C GLU A 219 17.65 15.30 -8.90
N THR A 220 17.73 16.48 -8.28
CA THR A 220 18.20 16.63 -6.91
C THR A 220 17.49 15.59 -6.04
N LYS A 221 16.16 15.64 -6.06
CA LYS A 221 15.36 14.71 -5.30
C LYS A 221 15.64 13.29 -5.79
N LEU A 222 15.52 13.09 -7.10
CA LEU A 222 15.75 11.79 -7.72
C LEU A 222 16.89 11.06 -7.04
N ASP A 223 17.91 11.80 -6.62
CA ASP A 223 19.04 11.18 -5.96
C ASP A 223 18.68 10.82 -4.53
N ILE A 224 18.09 11.75 -3.80
CA ILE A 224 17.69 11.48 -2.43
C ILE A 224 16.75 10.28 -2.37
N VAL A 225 15.64 10.35 -3.09
CA VAL A 225 14.66 9.25 -3.11
C VAL A 225 15.27 7.92 -3.50
N VAL A 226 15.97 7.87 -4.63
CA VAL A 226 16.60 6.64 -5.08
C VAL A 226 17.48 6.07 -3.98
N ALA A 227 17.89 6.94 -3.05
CA ALA A 227 18.71 6.50 -1.94
C ALA A 227 17.79 6.06 -0.81
N ASP A 228 17.46 7.00 0.05
CA ASP A 228 16.56 6.74 1.18
C ASP A 228 15.12 6.79 0.68
N GLU A 229 14.65 5.67 0.11
CA GLU A 229 13.30 5.58 -0.44
C GLU A 229 12.18 5.67 0.58
N LYS A 230 12.27 4.88 1.66
CA LYS A 230 11.24 4.87 2.69
C LYS A 230 11.44 5.93 3.78
N GLU A 231 12.13 7.01 3.42
CA GLU A 231 12.38 8.11 4.35
C GLU A 231 12.89 7.62 5.70
N GLN A 232 14.07 7.01 5.69
CA GLN A 232 14.68 6.52 6.93
C GLN A 232 15.86 7.41 7.29
N GLY A 233 16.41 8.09 6.28
CA GLY A 233 17.54 8.97 6.50
C GLY A 233 17.45 10.32 5.81
N VAL A 234 18.06 10.41 4.62
CA VAL A 234 18.07 11.66 3.88
C VAL A 234 16.73 12.10 3.32
N ARG A 235 15.86 11.17 2.97
CA ARG A 235 14.57 11.58 2.43
C ARG A 235 13.85 12.44 3.44
N LYS A 236 14.35 12.42 4.68
CA LYS A 236 13.79 13.24 5.75
C LYS A 236 14.09 14.72 5.53
N PHE A 237 15.09 15.00 4.70
CA PHE A 237 15.47 16.38 4.39
C PHE A 237 14.41 17.08 3.56
N LEU A 238 13.87 16.36 2.58
CA LEU A 238 12.86 16.92 1.71
C LEU A 238 11.70 17.56 2.50
N ASN A 239 11.63 17.25 3.80
CA ASN A 239 10.59 17.82 4.66
C ASN A 239 11.06 19.16 5.21
N LEU A 240 11.85 19.88 4.42
CA LEU A 240 12.37 21.17 4.84
C LEU A 240 11.28 22.23 4.96
N GLY A 241 11.08 22.73 6.17
CA GLY A 241 10.09 23.77 6.39
C GLY A 241 8.64 23.33 6.32
N HIS A 242 8.40 22.02 6.24
CA HIS A 242 7.05 21.50 6.19
C HIS A 242 6.55 21.33 7.61
N THR A 243 7.51 21.12 8.51
CA THR A 243 7.21 20.95 9.92
C THR A 243 6.26 22.08 10.29
N PHE A 244 6.62 23.28 9.84
CA PHE A 244 5.84 24.48 10.11
C PHE A 244 4.91 24.73 8.93
N GLY A 245 5.31 24.26 7.75
CA GLY A 245 4.49 24.44 6.58
C GLY A 245 3.21 23.64 6.75
N HIS A 246 3.31 22.32 6.61
CA HIS A 246 2.17 21.42 6.75
C HIS A 246 1.17 21.92 7.78
N ALA A 247 1.68 22.51 8.84
CA ALA A 247 0.83 23.05 9.90
C ALA A 247 0.09 24.28 9.39
N VAL A 248 0.82 25.38 9.26
CA VAL A 248 0.27 26.66 8.79
C VAL A 248 -0.65 26.52 7.58
N GLU A 249 -0.41 25.49 6.78
CA GLU A 249 -1.21 25.23 5.58
C GLU A 249 -2.61 24.71 5.95
N TYR A 250 -2.67 23.47 6.43
CA TYR A 250 -3.92 22.84 6.81
C TYR A 250 -4.68 23.72 7.80
N TYR A 251 -4.00 24.73 8.32
CA TYR A 251 -4.58 25.64 9.30
C TYR A 251 -4.89 27.03 8.76
N HIS A 252 -4.53 27.30 7.51
CA HIS A 252 -4.80 28.58 6.86
C HIS A 252 -5.22 28.35 5.43
N LYS A 253 -5.25 27.07 5.05
CA LYS A 253 -5.62 26.64 3.71
C LYS A 253 -5.07 27.53 2.59
N ILE A 254 -3.80 27.90 2.73
CA ILE A 254 -3.11 28.72 1.73
C ILE A 254 -2.53 27.67 0.77
N PRO A 255 -1.95 28.11 -0.36
CA PRO A 255 -1.39 27.09 -1.24
C PRO A 255 -0.18 26.47 -0.54
N HIS A 256 0.01 25.17 -0.76
CA HIS A 256 1.11 24.43 -0.17
C HIS A 256 2.41 25.25 -0.09
N GLY A 257 2.91 25.66 -1.25
CA GLY A 257 4.13 26.43 -1.32
C GLY A 257 4.19 27.65 -0.42
N HIS A 258 3.09 28.37 -0.33
CA HIS A 258 3.03 29.56 0.51
C HIS A 258 3.43 29.19 1.94
N ALA A 259 2.82 28.13 2.47
CA ALA A 259 3.12 27.67 3.82
C ALA A 259 4.55 27.15 3.93
N VAL A 260 4.99 26.42 2.90
CA VAL A 260 6.35 25.89 2.86
C VAL A 260 7.29 27.05 3.07
N MET A 261 7.28 28.00 2.13
CA MET A 261 8.13 29.17 2.21
C MET A 261 8.16 29.66 3.65
N VAL A 262 6.99 30.04 4.15
CA VAL A 262 6.89 30.51 5.52
C VAL A 262 7.65 29.59 6.46
N GLY A 263 7.26 28.32 6.47
CA GLY A 263 7.93 27.37 7.31
C GLY A 263 9.43 27.36 7.06
N ILE A 264 9.81 27.52 5.78
CA ILE A 264 11.23 27.54 5.39
C ILE A 264 12.01 28.65 6.08
N ILE A 265 11.35 29.77 6.35
CA ILE A 265 12.00 30.87 7.02
C ILE A 265 12.03 30.51 8.48
N TYR A 266 10.89 30.03 8.96
CA TYR A 266 10.77 29.62 10.34
C TYR A 266 11.98 28.75 10.68
N GLN A 267 12.18 27.71 9.87
CA GLN A 267 13.29 26.80 10.07
C GLN A 267 14.56 27.58 10.38
N PHE A 268 14.93 28.49 9.49
CA PHE A 268 16.11 29.33 9.66
C PHE A 268 16.08 30.02 11.02
N ILE A 269 15.02 30.75 11.28
CA ILE A 269 14.86 31.46 12.55
C ILE A 269 15.25 30.56 13.71
N VAL A 270 14.84 29.30 13.61
CA VAL A 270 15.12 28.30 14.63
C VAL A 270 16.56 27.80 14.56
N ALA A 271 17.14 27.81 13.37
CA ALA A 271 18.53 27.38 13.23
C ALA A 271 19.37 28.33 14.07
N ASN A 272 19.08 29.62 13.96
CA ASN A 272 19.79 30.66 14.71
C ASN A 272 19.60 30.51 16.22
N ALA A 273 18.35 30.33 16.65
CA ALA A 273 18.04 30.19 18.07
C ALA A 273 18.69 28.94 18.67
N LEU A 274 19.13 28.03 17.80
CA LEU A 274 19.77 26.81 18.28
C LEU A 274 21.28 26.88 18.11
N PHE A 275 21.73 26.80 16.87
CA PHE A 275 23.16 26.82 16.57
C PHE A 275 23.71 28.22 16.33
N ASP A 276 22.91 29.24 16.61
CA ASP A 276 23.34 30.61 16.38
C ASP A 276 23.95 30.69 14.98
N SER A 277 23.18 30.25 13.99
CA SER A 277 23.64 30.26 12.62
C SER A 277 23.61 31.71 12.12
N LYS A 278 24.35 32.00 11.05
CA LYS A 278 24.38 33.34 10.52
C LYS A 278 23.38 33.47 9.37
N HIS A 279 22.12 33.20 9.67
CA HIS A 279 21.05 33.28 8.68
C HIS A 279 20.48 34.67 8.60
N ASP A 280 20.57 35.26 7.40
CA ASP A 280 20.06 36.60 7.19
C ASP A 280 18.56 36.51 6.90
N ILE A 281 17.76 36.40 7.94
CA ILE A 281 16.32 36.31 7.80
C ILE A 281 15.83 37.39 6.85
N SER A 282 16.16 38.64 7.19
CA SER A 282 15.76 39.79 6.38
C SER A 282 16.03 39.59 4.89
N HIS A 283 17.04 38.79 4.56
CA HIS A 283 17.38 38.52 3.15
C HIS A 283 16.36 37.62 2.50
N TYR A 284 15.93 36.61 3.24
CA TYR A 284 14.96 35.68 2.72
C TYR A 284 13.58 36.33 2.67
N ILE A 285 13.34 37.28 3.58
CA ILE A 285 12.07 37.98 3.60
C ILE A 285 11.95 38.86 2.35
N GLN A 286 12.96 39.68 2.08
CA GLN A 286 12.93 40.55 0.90
C GLN A 286 12.83 39.69 -0.36
N TYR A 287 13.36 38.48 -0.30
CA TYR A 287 13.31 37.61 -1.47
C TYR A 287 11.85 37.24 -1.76
N LEU A 288 11.08 36.97 -0.71
CA LEU A 288 9.67 36.59 -0.87
C LEU A 288 8.83 37.79 -1.27
N ILE A 289 9.28 38.98 -0.89
CA ILE A 289 8.56 40.19 -1.23
C ILE A 289 8.85 40.49 -2.68
N GLN A 290 10.13 40.45 -3.05
CA GLN A 290 10.55 40.71 -4.42
C GLN A 290 9.91 39.70 -5.37
N LEU A 291 9.65 38.50 -4.85
CA LEU A 291 9.04 37.43 -5.63
C LEU A 291 7.53 37.57 -5.76
N GLY A 292 6.92 38.28 -4.81
CA GLY A 292 5.48 38.48 -4.87
C GLY A 292 4.62 37.64 -3.93
N TYR A 293 5.26 36.97 -2.98
CA TYR A 293 4.51 36.15 -2.03
C TYR A 293 3.63 37.02 -1.13
N PRO A 294 2.39 36.56 -0.83
CA PRO A 294 1.41 37.24 0.02
C PRO A 294 2.01 38.03 1.17
N LEU A 295 2.34 37.34 2.26
CA LEU A 295 2.97 37.99 3.41
C LEU A 295 2.08 38.78 4.34
N ASP A 296 0.98 38.18 4.79
CA ASP A 296 0.09 38.88 5.71
C ASP A 296 -0.33 37.99 6.86
N MET A 297 -0.26 36.68 6.66
CA MET A 297 -0.62 35.72 7.69
C MET A 297 0.49 35.61 8.72
N MET A 310 1.26 20.79 14.61
CA MET A 310 2.65 20.38 14.43
C MET A 310 2.98 19.12 15.23
N LEU A 311 2.15 18.85 16.23
CA LEU A 311 2.38 17.68 17.07
C LEU A 311 1.63 16.46 16.52
N SER A 312 2.18 15.87 15.46
CA SER A 312 1.57 14.70 14.83
C SER A 312 2.30 14.36 13.54
N ASP A 313 3.33 15.16 13.21
CA ASP A 313 4.14 15.02 12.00
C ASP A 313 4.61 13.59 11.66
N LYS A 314 5.40 13.46 10.59
CA LYS A 314 5.90 12.16 10.13
C LYS A 314 7.37 11.90 10.47
N LYS A 315 8.12 12.96 10.71
CA LYS A 315 9.54 12.81 11.07
C LYS A 315 9.60 12.67 12.59
N ASN A 316 8.52 13.07 13.25
CA ASN A 316 8.38 13.04 14.71
C ASN A 316 8.66 11.71 15.39
N ASP A 317 9.26 11.79 16.58
CA ASP A 317 9.55 10.61 17.38
C ASP A 317 9.04 10.95 18.78
N LYS A 318 8.34 10.01 19.40
CA LYS A 318 7.79 10.26 20.73
C LYS A 318 8.79 10.88 21.70
N GLN A 319 8.73 12.21 21.80
CA GLN A 319 9.59 13.00 22.66
C GLN A 319 9.31 14.46 22.35
N GLY A 320 8.93 14.69 21.09
CA GLY A 320 8.63 16.03 20.64
C GLY A 320 8.96 16.25 19.18
N VAL A 321 8.59 17.42 18.69
CA VAL A 321 8.83 17.82 17.31
C VAL A 321 10.22 17.51 16.79
N GLN A 322 10.28 17.11 15.52
CA GLN A 322 11.53 16.82 14.83
C GLN A 322 11.52 17.68 13.57
N MET A 323 12.46 18.60 13.48
CA MET A 323 12.53 19.47 12.32
C MET A 323 13.74 19.20 11.46
N VAL A 324 13.65 19.56 10.18
CA VAL A 324 14.75 19.40 9.25
C VAL A 324 15.35 20.80 9.27
N LEU A 325 16.40 20.98 10.07
CA LEU A 325 17.04 22.28 10.19
C LEU A 325 18.37 22.38 9.45
N MET A 326 18.59 23.53 8.83
CA MET A 326 19.81 23.80 8.08
C MET A 326 20.72 24.67 8.94
N ARG A 327 21.92 24.18 9.21
CA ARG A 327 22.87 24.96 10.00
C ARG A 327 23.75 25.71 9.01
N GLN A 328 23.80 25.18 7.79
CA GLN A 328 24.55 25.77 6.68
C GLN A 328 24.44 24.88 5.46
N PHE A 329 24.48 25.49 4.29
CA PHE A 329 24.40 24.76 3.04
C PHE A 329 25.30 23.54 3.12
N GLY A 330 24.78 22.38 2.73
CA GLY A 330 25.57 21.16 2.79
C GLY A 330 25.74 20.70 4.21
N ASP A 331 24.73 20.99 5.03
CA ASP A 331 24.78 20.60 6.44
C ASP A 331 23.38 20.67 7.04
N ILE A 332 22.52 19.78 6.58
CA ILE A 332 21.15 19.71 7.06
C ILE A 332 21.09 18.66 8.16
N VAL A 333 20.19 18.87 9.12
CA VAL A 333 20.04 17.91 10.20
C VAL A 333 18.57 17.80 10.60
N VAL A 334 18.29 16.90 11.55
CA VAL A 334 16.93 16.69 12.03
C VAL A 334 17.06 16.51 13.54
N GLN A 335 16.11 17.04 14.30
CA GLN A 335 16.18 16.90 15.74
C GLN A 335 15.03 17.52 16.50
N HIS A 336 14.95 17.17 17.78
CA HIS A 336 13.91 17.68 18.67
C HIS A 336 14.05 19.19 18.79
N VAL A 337 13.00 19.82 19.31
CA VAL A 337 12.96 21.26 19.53
C VAL A 337 11.89 21.56 20.58
N ASP A 338 12.33 22.11 21.72
CA ASP A 338 11.42 22.46 22.80
C ASP A 338 10.44 23.51 22.29
N GLN A 339 9.19 23.45 22.72
CA GLN A 339 8.23 24.43 22.25
C GLN A 339 8.81 25.80 22.52
N LEU A 340 9.73 25.86 23.46
CA LEU A 340 10.41 27.10 23.84
C LEU A 340 11.02 27.78 22.61
N THR A 341 11.93 27.07 21.93
CA THR A 341 12.56 27.62 20.74
C THR A 341 11.48 27.93 19.73
N LEU A 342 10.58 26.97 19.50
CA LEU A 342 9.48 27.13 18.55
C LEU A 342 8.66 28.39 18.79
N GLN A 343 8.88 29.02 19.92
CA GLN A 343 8.15 30.23 20.25
C GLN A 343 8.88 31.43 19.69
N HIS A 344 10.01 31.78 20.30
CA HIS A 344 10.81 32.92 19.87
C HIS A 344 10.87 33.06 18.37
N ALA A 345 10.96 31.93 17.67
CA ALA A 345 11.01 31.92 16.21
C ALA A 345 9.66 32.35 15.67
N CYS A 346 8.61 31.64 16.06
CA CYS A 346 7.26 31.95 15.63
C CYS A 346 6.79 33.25 16.28
N GLU A 347 7.73 34.02 16.79
CA GLU A 347 7.46 35.31 17.41
C GLU A 347 8.42 36.31 16.79
N GLN A 348 9.62 35.86 16.51
CA GLN A 348 10.62 36.70 15.88
C GLN A 348 10.07 36.93 14.47
N LEU A 349 9.36 35.92 13.98
CA LEU A 349 8.75 35.96 12.65
C LEU A 349 7.54 36.90 12.67
N LYS A 350 6.98 37.11 13.85
CA LYS A 350 5.83 38.00 14.04
C LYS A 350 6.23 39.46 13.90
N THR A 351 7.54 39.71 13.95
CA THR A 351 8.08 41.04 13.83
C THR A 351 8.19 41.42 12.36
N TYR A 352 7.28 40.87 11.55
CA TYR A 352 7.29 41.13 10.12
C TYR A 352 5.89 41.51 9.61
N MET B 1 11.11 -24.56 16.53
CA MET B 1 10.93 -24.44 15.05
C MET B 1 10.65 -23.01 14.63
N LYS B 2 11.45 -22.52 13.68
CA LYS B 2 11.30 -21.18 13.15
C LYS B 2 11.64 -21.16 11.66
N LEU B 3 10.93 -20.33 10.93
CA LEU B 3 11.14 -20.18 9.51
C LEU B 3 11.35 -18.70 9.25
N GLN B 4 12.04 -18.36 8.18
CA GLN B 4 12.29 -16.96 7.86
C GLN B 4 12.33 -16.77 6.35
N THR B 5 11.99 -15.57 5.91
CA THR B 5 11.98 -15.26 4.50
C THR B 5 13.39 -15.28 3.91
N THR B 6 13.49 -15.37 2.59
CA THR B 6 14.77 -15.44 1.91
C THR B 6 15.04 -14.23 1.00
N TYR B 7 14.09 -13.30 0.88
CA TYR B 7 14.26 -12.13 0.03
C TYR B 7 15.63 -11.47 0.19
N PRO B 8 16.03 -10.63 -0.79
CA PRO B 8 17.33 -9.95 -0.72
C PRO B 8 17.48 -9.04 0.52
N SER B 9 16.40 -8.35 0.88
CA SER B 9 16.39 -7.47 2.04
C SER B 9 14.98 -7.31 2.58
N ASN B 10 14.85 -6.86 3.83
CA ASN B 10 13.54 -6.66 4.45
C ASN B 10 12.85 -8.00 4.71
N ASN B 11 13.59 -8.94 5.30
CA ASN B 11 13.06 -10.27 5.60
C ASN B 11 12.51 -10.45 7.01
N TYR B 12 11.36 -11.13 7.09
CA TYR B 12 10.71 -11.37 8.36
C TYR B 12 10.71 -12.82 8.81
N PRO B 13 10.66 -13.06 10.13
CA PRO B 13 10.65 -14.38 10.75
C PRO B 13 9.23 -14.94 10.92
N ILE B 14 9.13 -16.25 11.08
CA ILE B 14 7.84 -16.91 11.25
C ILE B 14 8.00 -17.95 12.35
N TYR B 15 7.91 -17.50 13.60
CA TYR B 15 8.03 -18.39 14.74
C TYR B 15 6.83 -19.35 14.77
N VAL B 16 7.06 -20.60 14.42
CA VAL B 16 5.97 -21.57 14.43
C VAL B 16 6.15 -22.60 15.55
N GLU B 17 5.45 -22.38 16.67
CA GLU B 17 5.55 -23.31 17.78
C GLU B 17 4.52 -23.09 18.89
N HIS B 18 4.36 -24.11 19.73
CA HIS B 18 3.43 -24.09 20.85
C HIS B 18 3.96 -23.16 21.94
N GLY B 19 3.23 -22.08 22.18
CA GLY B 19 3.62 -21.13 23.22
C GLY B 19 4.40 -19.94 22.68
N ALA B 20 4.52 -19.85 21.36
CA ALA B 20 5.24 -18.75 20.72
C ALA B 20 4.68 -17.37 21.04
N ILE B 21 3.59 -17.32 21.81
CA ILE B 21 2.99 -16.05 22.16
C ILE B 21 3.97 -15.29 23.06
N LYS B 22 4.96 -16.02 23.59
CA LYS B 22 5.99 -15.44 24.45
C LYS B 22 6.88 -14.50 23.67
N TYR B 23 7.25 -14.90 22.46
CA TYR B 23 8.11 -14.12 21.57
C TYR B 23 7.62 -12.70 21.34
N ILE B 24 6.38 -12.42 21.68
CA ILE B 24 5.80 -11.10 21.46
C ILE B 24 6.42 -9.93 22.24
N GLY B 25 6.72 -10.14 23.52
CA GLY B 25 7.31 -9.06 24.28
C GLY B 25 8.62 -8.53 23.70
N THR B 26 9.48 -9.46 23.30
CA THR B 26 10.80 -9.13 22.75
C THR B 26 10.85 -7.99 21.72
N TYR B 27 9.69 -7.62 21.19
CA TYR B 27 9.59 -6.54 20.21
C TYR B 27 8.90 -5.35 20.87
N LEU B 28 7.62 -5.57 21.16
CA LEU B 28 6.71 -4.60 21.78
C LEU B 28 7.25 -3.32 22.40
N ASN B 29 8.21 -3.46 23.31
CA ASN B 29 8.78 -2.31 24.00
C ASN B 29 9.97 -1.67 23.28
N GLN B 30 9.88 -1.62 21.96
CA GLN B 30 10.89 -1.01 21.12
C GLN B 30 10.11 -0.19 20.08
N PHE B 31 8.88 0.16 20.47
CA PHE B 31 7.98 0.95 19.65
C PHE B 31 7.44 2.10 20.49
N ASP B 32 7.12 3.21 19.84
CA ASP B 32 6.57 4.35 20.55
C ASP B 32 5.28 3.87 21.22
N GLN B 33 4.42 3.24 20.44
CA GLN B 33 3.15 2.70 20.91
C GLN B 33 2.87 1.42 20.12
N SER B 34 1.79 0.73 20.46
CA SER B 34 1.40 -0.49 19.76
C SER B 34 -0.10 -0.75 19.93
N PHE B 35 -0.79 -0.90 18.81
CA PHE B 35 -2.22 -1.15 18.82
C PHE B 35 -2.53 -2.61 18.60
N LEU B 36 -3.31 -3.18 19.50
CA LEU B 36 -3.67 -4.58 19.41
C LEU B 36 -5.02 -4.73 18.75
N LEU B 37 -5.02 -5.16 17.49
CA LEU B 37 -6.27 -5.38 16.79
C LEU B 37 -6.64 -6.85 16.96
N ILE B 38 -7.79 -7.10 17.58
CA ILE B 38 -8.21 -8.46 17.84
C ILE B 38 -9.68 -8.79 17.54
N ASP B 39 -9.90 -10.01 17.09
CA ASP B 39 -11.21 -10.53 16.74
C ASP B 39 -12.15 -10.39 17.95
N GLU B 40 -13.40 -9.99 17.72
CA GLU B 40 -14.35 -9.83 18.81
C GLU B 40 -14.49 -11.13 19.61
N TYR B 41 -14.62 -12.24 18.88
CA TYR B 41 -14.76 -13.56 19.50
C TYR B 41 -13.41 -13.98 20.07
N VAL B 42 -12.37 -13.89 19.25
CA VAL B 42 -11.03 -14.26 19.69
C VAL B 42 -10.65 -13.49 20.93
N ASN B 43 -11.04 -12.21 21.00
CA ASN B 43 -10.72 -11.41 22.18
C ASN B 43 -11.32 -12.07 23.42
N GLN B 44 -12.51 -12.62 23.27
CA GLN B 44 -13.18 -13.30 24.36
C GLN B 44 -12.26 -14.46 24.75
N TYR B 45 -12.06 -15.34 23.78
CA TYR B 45 -11.23 -16.52 23.95
C TYR B 45 -9.90 -16.32 24.69
N PHE B 46 -9.14 -15.29 24.33
CA PHE B 46 -7.83 -15.09 24.97
C PHE B 46 -7.53 -13.73 25.57
N ALA B 47 -8.57 -12.98 25.93
CA ALA B 47 -8.37 -11.64 26.50
C ALA B 47 -7.38 -11.63 27.66
N ASN B 48 -7.40 -12.67 28.48
CA ASN B 48 -6.51 -12.74 29.64
C ASN B 48 -5.05 -12.95 29.28
N LYS B 49 -4.79 -13.95 28.45
CA LYS B 49 -3.44 -14.31 28.04
C LYS B 49 -2.59 -13.11 27.59
N PHE B 50 -3.26 -12.01 27.25
CA PHE B 50 -2.55 -10.82 26.78
C PHE B 50 -2.35 -9.74 27.86
N ASP B 51 -3.12 -9.81 28.94
CA ASP B 51 -2.97 -8.84 30.02
C ASP B 51 -1.51 -8.84 30.42
N ASP B 52 -0.90 -10.01 30.33
CA ASP B 52 0.50 -10.22 30.67
C ASP B 52 1.37 -9.24 29.89
N ILE B 53 0.74 -8.38 29.10
CA ILE B 53 1.44 -7.36 28.31
C ILE B 53 0.47 -6.21 28.05
N ASN B 58 2.40 1.42 26.56
CA ASN B 58 2.70 1.57 25.14
C ASN B 58 1.88 0.58 24.31
N VAL B 59 0.78 0.07 24.86
CA VAL B 59 -0.08 -0.88 24.14
C VAL B 59 -1.56 -0.62 24.36
N HIS B 60 -2.27 -0.39 23.27
CA HIS B 60 -3.72 -0.12 23.29
C HIS B 60 -4.44 -1.23 22.55
N LYS B 61 -5.39 -1.90 23.20
CA LYS B 61 -6.12 -2.94 22.51
C LYS B 61 -7.23 -2.30 21.70
N VAL B 62 -7.43 -2.84 20.50
CA VAL B 62 -8.45 -2.37 19.58
C VAL B 62 -9.22 -3.62 19.14
N ILE B 63 -10.38 -3.85 19.74
CA ILE B 63 -11.18 -5.02 19.40
C ILE B 63 -11.92 -4.74 18.09
N ILE B 64 -11.75 -5.63 17.12
CA ILE B 64 -12.41 -5.50 15.82
C ILE B 64 -13.46 -6.59 15.61
N PRO B 65 -14.34 -6.41 14.61
CA PRO B 65 -15.40 -7.38 14.30
C PRO B 65 -14.90 -8.81 14.14
N ALA B 66 -15.81 -9.76 14.31
CA ALA B 66 -15.48 -11.16 14.19
C ALA B 66 -15.44 -11.61 12.73
N GLY B 67 -14.33 -12.24 12.37
CA GLY B 67 -14.15 -12.75 11.02
C GLY B 67 -14.30 -11.76 9.87
N GLU B 68 -14.80 -12.27 8.75
CA GLU B 68 -15.01 -11.52 7.51
C GLU B 68 -15.75 -10.19 7.66
N LYS B 69 -16.42 -10.03 8.80
CA LYS B 69 -17.20 -8.84 9.11
C LYS B 69 -16.41 -7.54 9.11
N THR B 70 -15.13 -7.76 9.46
CA THR B 70 -14.17 -6.71 9.73
C THR B 70 -13.58 -6.19 8.46
N LYS B 71 -13.57 -7.00 7.40
CA LYS B 71 -12.97 -6.59 6.13
C LYS B 71 -13.86 -5.76 5.20
N THR B 72 -14.16 -4.51 5.60
CA THR B 72 -14.99 -3.58 4.82
C THR B 72 -14.35 -2.19 4.86
N PHE B 73 -14.71 -1.32 3.92
CA PHE B 73 -14.16 0.05 3.90
C PHE B 73 -14.56 0.72 5.20
N GLU B 74 -15.86 0.66 5.47
CA GLU B 74 -16.46 1.23 6.67
C GLU B 74 -15.60 0.95 7.89
N GLN B 75 -15.24 -0.31 8.10
CA GLN B 75 -14.39 -0.72 9.22
C GLN B 75 -12.94 -0.25 9.12
N TYR B 76 -12.43 -0.06 7.90
CA TYR B 76 -11.04 0.43 7.69
C TYR B 76 -10.86 1.87 8.12
N GLN B 77 -11.81 2.68 7.72
CA GLN B 77 -11.82 4.10 8.03
C GLN B 77 -11.95 4.31 9.53
N GLU B 78 -13.04 3.80 10.09
CA GLU B 78 -13.28 3.94 11.52
C GLU B 78 -12.01 3.65 12.32
N THR B 79 -11.48 2.45 12.15
CA THR B 79 -10.27 2.02 12.86
C THR B 79 -9.15 3.04 12.74
N LEU B 80 -8.69 3.24 11.51
CA LEU B 80 -7.62 4.19 11.24
C LEU B 80 -7.79 5.44 12.09
N GLU B 81 -8.86 6.18 11.83
CA GLU B 81 -9.15 7.41 12.57
C GLU B 81 -8.87 7.25 14.05
N TYR B 82 -9.46 6.22 14.65
CA TYR B 82 -9.25 5.94 16.06
C TYR B 82 -7.74 5.91 16.29
N ILE B 83 -7.05 5.02 15.58
CA ILE B 83 -5.61 4.89 15.72
C ILE B 83 -4.86 6.20 15.48
N LEU B 84 -5.50 7.13 14.78
CA LEU B 84 -4.86 8.41 14.48
C LEU B 84 -4.99 9.42 15.61
N SER B 85 -6.13 9.40 16.30
CA SER B 85 -6.37 10.32 17.40
C SER B 85 -5.39 10.09 18.54
N HIS B 86 -4.36 9.29 18.27
CA HIS B 86 -3.36 8.98 19.27
C HIS B 86 -2.00 9.55 18.89
N HIS B 87 -2.02 10.64 18.13
CA HIS B 87 -0.79 11.32 17.70
C HIS B 87 0.32 10.29 17.46
N VAL B 88 -0.03 9.18 16.84
CA VAL B 88 0.92 8.10 16.57
C VAL B 88 2.19 8.57 15.86
N THR B 89 3.05 7.61 15.50
CA THR B 89 4.30 7.90 14.82
C THR B 89 4.69 6.74 13.89
N ARG B 90 5.55 7.02 12.92
CA ARG B 90 5.99 5.98 11.98
C ARG B 90 6.51 4.72 12.66
N ASN B 91 7.03 4.86 13.88
CA ASN B 91 7.56 3.72 14.60
C ASN B 91 6.51 3.10 15.52
N THR B 92 5.32 2.92 14.99
CA THR B 92 4.22 2.32 15.74
C THR B 92 3.99 0.94 15.15
N ALA B 93 3.39 0.05 15.92
CA ALA B 93 3.15 -1.30 15.45
C ALA B 93 1.68 -1.72 15.51
N ILE B 94 1.27 -2.49 14.50
CA ILE B 94 -0.07 -3.02 14.42
C ILE B 94 0.08 -4.53 14.69
N ILE B 95 -0.70 -5.04 15.63
CA ILE B 95 -0.61 -6.46 15.98
C ILE B 95 -1.92 -7.19 15.72
N ALA B 96 -1.93 -8.04 14.69
CA ALA B 96 -3.11 -8.80 14.32
C ALA B 96 -3.24 -10.09 15.13
N VAL B 97 -4.26 -10.14 15.97
CA VAL B 97 -4.52 -11.30 16.78
C VAL B 97 -5.81 -11.98 16.32
N GLY B 98 -5.67 -13.01 15.50
CA GLY B 98 -6.84 -13.71 15.00
C GLY B 98 -6.64 -14.43 13.68
N GLY B 99 -7.77 -14.73 13.03
CA GLY B 99 -7.74 -15.43 11.76
C GLY B 99 -7.19 -14.57 10.65
N GLY B 100 -7.22 -15.07 9.43
CA GLY B 100 -6.71 -14.32 8.29
C GLY B 100 -7.49 -13.04 8.08
N ALA B 101 -8.78 -13.06 8.42
CA ALA B 101 -9.61 -11.88 8.24
C ALA B 101 -9.07 -10.74 9.11
N THR B 102 -8.61 -11.08 10.30
CA THR B 102 -8.04 -10.10 11.22
C THR B 102 -6.70 -9.60 10.70
N GLY B 103 -5.84 -10.53 10.27
CA GLY B 103 -4.55 -10.14 9.73
C GLY B 103 -4.72 -9.34 8.46
N ASP B 104 -5.37 -9.93 7.47
CA ASP B 104 -5.61 -9.26 6.19
C ASP B 104 -6.05 -7.82 6.39
N PHE B 105 -6.94 -7.62 7.36
CA PHE B 105 -7.45 -6.30 7.65
C PHE B 105 -6.39 -5.44 8.36
N ALA B 106 -6.10 -5.78 9.60
CA ALA B 106 -5.12 -5.06 10.40
C ALA B 106 -3.91 -4.71 9.54
N GLY B 107 -3.40 -5.71 8.82
CA GLY B 107 -2.26 -5.47 7.97
C GLY B 107 -2.48 -4.32 7.01
N PHE B 108 -3.61 -4.34 6.31
CA PHE B 108 -3.91 -3.27 5.37
C PHE B 108 -3.80 -1.94 6.10
N VAL B 109 -4.32 -1.92 7.31
CA VAL B 109 -4.28 -0.73 8.15
C VAL B 109 -2.81 -0.36 8.34
N ALA B 110 -2.04 -1.33 8.82
CA ALA B 110 -0.62 -1.14 9.07
C ALA B 110 0.15 -0.81 7.79
N ALA B 111 -0.38 -1.24 6.66
CA ALA B 111 0.27 -0.98 5.38
C ALA B 111 0.02 0.44 4.90
N THR B 112 -1.10 1.01 5.33
CA THR B 112 -1.46 2.36 4.91
C THR B 112 -1.22 3.44 5.95
N LEU B 113 -1.42 3.11 7.21
CA LEU B 113 -1.22 4.08 8.29
C LEU B 113 0.13 4.77 8.14
N LEU B 114 0.09 6.06 7.86
CA LEU B 114 1.31 6.85 7.69
C LEU B 114 2.19 6.22 6.62
N ARG B 115 1.56 5.74 5.55
CA ARG B 115 2.25 5.11 4.42
C ARG B 115 3.00 3.83 4.78
N GLY B 116 2.89 3.40 6.02
CA GLY B 116 3.57 2.17 6.41
C GLY B 116 4.20 2.19 7.79
N VAL B 117 3.55 1.51 8.72
CA VAL B 117 4.05 1.41 10.09
C VAL B 117 4.55 -0.01 10.28
N HIS B 118 4.70 -0.46 11.52
CA HIS B 118 5.18 -1.81 11.78
C HIS B 118 4.04 -2.81 11.88
N PHE B 119 4.25 -3.99 11.34
CA PHE B 119 3.21 -4.99 11.32
C PHE B 119 3.62 -6.31 11.98
N ILE B 120 2.84 -6.75 12.97
CA ILE B 120 3.10 -8.01 13.65
C ILE B 120 1.92 -8.96 13.55
N GLN B 121 2.19 -10.19 13.11
CA GLN B 121 1.17 -11.21 12.93
C GLN B 121 1.12 -12.29 14.01
N VAL B 122 0.01 -12.31 14.73
CA VAL B 122 -0.24 -13.28 15.78
C VAL B 122 -1.42 -14.12 15.31
N PRO B 123 -1.19 -15.00 14.31
CA PRO B 123 -2.22 -15.86 13.75
C PRO B 123 -2.74 -16.86 14.78
N THR B 124 -4.07 -16.99 14.85
CA THR B 124 -4.70 -17.86 15.81
C THR B 124 -5.48 -19.04 15.22
N THR B 125 -5.67 -19.06 13.90
CA THR B 125 -6.39 -20.17 13.28
C THR B 125 -5.45 -21.07 12.49
N ILE B 126 -5.98 -22.20 12.01
CA ILE B 126 -5.19 -23.13 11.21
C ILE B 126 -5.00 -22.53 9.82
N LEU B 127 -6.09 -22.02 9.28
CA LEU B 127 -6.06 -21.41 7.96
C LEU B 127 -5.03 -20.28 7.95
N ALA B 128 -4.81 -19.65 9.11
CA ALA B 128 -3.86 -18.55 9.24
C ALA B 128 -2.40 -18.94 9.02
N HIS B 129 -2.15 -20.21 8.71
CA HIS B 129 -0.78 -20.67 8.46
C HIS B 129 -0.42 -20.28 7.03
N ASP B 130 -1.44 -19.77 6.33
CA ASP B 130 -1.31 -19.33 4.96
C ASP B 130 -1.50 -17.81 4.92
N SER B 131 -2.53 -17.33 5.60
CA SER B 131 -2.85 -15.90 5.64
C SER B 131 -1.77 -15.03 6.32
N SER B 132 -1.07 -15.61 7.29
CA SER B 132 -0.03 -14.89 8.02
C SER B 132 1.23 -14.69 7.22
N VAL B 133 1.40 -15.50 6.17
CA VAL B 133 2.59 -15.42 5.32
C VAL B 133 2.38 -14.78 3.94
N GLY B 134 3.41 -14.09 3.45
CA GLY B 134 3.32 -13.45 2.15
C GLY B 134 3.02 -11.95 2.18
N GLY B 135 2.38 -11.50 3.25
CA GLY B 135 2.05 -10.08 3.37
C GLY B 135 1.01 -9.60 2.37
N LYS B 136 -0.03 -10.41 2.16
CA LYS B 136 -1.09 -10.04 1.23
C LYS B 136 -2.31 -9.45 1.94
N VAL B 137 -2.11 -8.29 2.58
CA VAL B 137 -3.19 -7.63 3.30
C VAL B 137 -4.25 -7.07 2.34
N GLY B 138 -5.41 -6.70 2.88
CA GLY B 138 -6.46 -6.17 2.04
C GLY B 138 -7.85 -6.39 2.61
N ILE B 139 -8.86 -5.74 2.03
CA ILE B 139 -10.23 -5.88 2.50
C ILE B 139 -11.18 -6.18 1.35
N ASN B 140 -12.46 -6.40 1.68
CA ASN B 140 -13.46 -6.72 0.67
C ASN B 140 -14.18 -5.54 0.01
N SER B 141 -14.82 -5.83 -1.12
CA SER B 141 -15.58 -4.85 -1.90
C SER B 141 -16.96 -5.43 -2.20
N LYS B 142 -17.82 -4.61 -2.78
CA LYS B 142 -19.15 -5.09 -3.14
C LYS B 142 -19.05 -5.86 -4.44
N GLN B 143 -17.82 -6.05 -4.91
CA GLN B 143 -17.57 -6.78 -6.14
C GLN B 143 -16.94 -8.14 -5.90
N GLY B 144 -16.45 -8.37 -4.68
CA GLY B 144 -15.84 -9.66 -4.39
C GLY B 144 -14.88 -9.74 -3.22
N LYS B 145 -14.15 -10.85 -3.17
CA LYS B 145 -13.18 -11.12 -2.10
C LYS B 145 -11.88 -10.35 -2.26
N ASN B 146 -11.64 -9.42 -1.33
CA ASN B 146 -10.44 -8.62 -1.31
C ASN B 146 -10.02 -8.03 -2.66
N LEU B 147 -10.66 -6.92 -3.05
CA LEU B 147 -10.33 -6.26 -4.30
C LEU B 147 -9.48 -5.03 -3.98
N ILE B 148 -9.47 -4.69 -2.70
CA ILE B 148 -8.70 -3.55 -2.20
C ILE B 148 -7.70 -4.15 -1.23
N GLY B 149 -6.45 -3.71 -1.32
CA GLY B 149 -5.46 -4.22 -0.41
C GLY B 149 -4.05 -3.90 -0.85
N ALA B 150 -3.10 -4.71 -0.41
CA ALA B 150 -1.72 -4.49 -0.76
C ALA B 150 -0.79 -5.60 -0.30
N PHE B 151 0.45 -5.52 -0.77
CA PHE B 151 1.47 -6.47 -0.37
C PHE B 151 2.27 -5.68 0.64
N TYR B 152 2.33 -6.20 1.86
CA TYR B 152 3.05 -5.52 2.93
C TYR B 152 3.67 -6.55 3.86
N ARG B 153 4.96 -6.81 3.66
CA ARG B 153 5.68 -7.79 4.47
C ARG B 153 5.53 -7.48 5.96
N PRO B 154 4.97 -8.42 6.73
CA PRO B 154 4.79 -8.22 8.15
C PRO B 154 6.16 -8.12 8.80
N THR B 155 6.28 -7.38 9.90
CA THR B 155 7.55 -7.25 10.58
C THR B 155 8.00 -8.63 11.10
N ALA B 156 7.04 -9.46 11.48
CA ALA B 156 7.30 -10.82 11.98
C ALA B 156 6.01 -11.60 12.21
N VAL B 157 6.09 -12.93 12.19
CA VAL B 157 4.93 -13.78 12.41
C VAL B 157 5.06 -14.69 13.65
N ILE B 158 4.21 -14.46 14.64
CA ILE B 158 4.21 -15.27 15.86
C ILE B 158 3.04 -16.25 15.80
N TYR B 159 3.34 -17.49 15.42
CA TYR B 159 2.33 -18.50 15.33
C TYR B 159 2.38 -19.43 16.54
N ASP B 160 1.56 -19.13 17.54
CA ASP B 160 1.49 -19.93 18.76
C ASP B 160 0.45 -21.04 18.53
N LEU B 161 0.94 -22.25 18.27
CA LEU B 161 0.08 -23.40 17.98
C LEU B 161 -0.90 -23.76 19.09
N ASP B 162 -0.77 -23.11 20.24
CA ASP B 162 -1.68 -23.40 21.35
C ASP B 162 -3.02 -22.73 21.11
N PHE B 163 -3.05 -21.75 20.21
CA PHE B 163 -4.29 -21.04 19.88
C PHE B 163 -5.32 -22.02 19.32
N LEU B 164 -4.82 -22.93 18.49
CA LEU B 164 -5.63 -23.93 17.79
C LEU B 164 -6.52 -24.88 18.61
N LYS B 165 -6.08 -25.22 19.83
CA LYS B 165 -6.82 -26.15 20.70
C LYS B 165 -8.28 -25.80 20.99
N THR B 166 -8.75 -24.65 20.50
CA THR B 166 -10.12 -24.22 20.76
C THR B 166 -10.93 -23.94 19.49
N LEU B 167 -10.51 -24.51 18.38
CA LEU B 167 -11.20 -24.28 17.12
C LEU B 167 -12.32 -25.27 16.80
N PRO B 168 -13.56 -24.77 16.67
CA PRO B 168 -14.68 -25.67 16.35
C PRO B 168 -14.30 -26.43 15.09
N PHE B 169 -14.93 -27.57 14.85
CA PHE B 169 -14.58 -28.36 13.66
C PHE B 169 -14.77 -27.47 12.44
N LYS B 170 -15.89 -26.75 12.43
CA LYS B 170 -16.23 -25.85 11.34
C LYS B 170 -15.04 -25.01 10.87
N GLN B 171 -14.20 -24.59 11.81
CA GLN B 171 -13.04 -23.79 11.47
C GLN B 171 -11.82 -24.69 11.20
N ILE B 172 -11.83 -25.89 11.77
CA ILE B 172 -10.73 -26.82 11.55
C ILE B 172 -10.80 -27.27 10.10
N LEU B 173 -12.00 -27.69 9.67
CA LEU B 173 -12.21 -28.13 8.30
C LEU B 173 -11.84 -26.98 7.35
N SER B 174 -12.27 -25.77 7.73
CA SER B 174 -12.01 -24.59 6.93
C SER B 174 -10.51 -24.48 6.66
N GLY B 175 -9.73 -24.31 7.73
CA GLY B 175 -8.29 -24.17 7.60
C GLY B 175 -7.56 -25.29 6.90
N TYR B 176 -7.81 -26.53 7.33
CA TYR B 176 -7.13 -27.69 6.75
C TYR B 176 -7.07 -27.66 5.22
N ALA B 177 -8.14 -27.23 4.58
CA ALA B 177 -8.19 -27.17 3.13
C ALA B 177 -6.93 -26.52 2.55
N GLU B 178 -6.34 -25.60 3.31
CA GLU B 178 -5.13 -24.91 2.88
C GLU B 178 -3.91 -25.75 3.16
N VAL B 179 -3.92 -26.39 4.33
CA VAL B 179 -2.84 -27.28 4.70
C VAL B 179 -2.79 -28.34 3.60
N TYR B 180 -3.97 -28.76 3.17
CA TYR B 180 -4.11 -29.77 2.13
C TYR B 180 -3.75 -29.23 0.76
N LYS B 181 -4.17 -28.00 0.48
CA LYS B 181 -3.85 -27.41 -0.81
C LYS B 181 -2.34 -27.46 -0.98
N HIS B 182 -1.63 -27.05 0.08
CA HIS B 182 -0.17 -27.02 0.10
C HIS B 182 0.42 -28.40 -0.10
N ALA B 183 -0.18 -29.39 0.54
CA ALA B 183 0.31 -30.76 0.38
C ALA B 183 0.21 -31.04 -1.11
N LEU B 184 -0.94 -30.72 -1.70
CA LEU B 184 -1.13 -30.96 -3.12
C LEU B 184 -0.03 -30.31 -3.94
N LEU B 185 0.38 -29.10 -3.56
CA LEU B 185 1.43 -28.43 -4.30
C LEU B 185 2.83 -28.96 -3.96
N ASN B 186 2.90 -30.13 -3.36
CA ASN B 186 4.18 -30.77 -3.04
C ASN B 186 4.17 -32.16 -3.67
N GLY B 187 3.43 -32.28 -4.77
CA GLY B 187 3.33 -33.54 -5.46
C GLY B 187 2.69 -34.61 -4.61
N GLU B 188 2.77 -35.85 -5.06
CA GLU B 188 2.19 -36.96 -4.31
C GLU B 188 2.81 -37.11 -2.93
N SER B 189 4.13 -37.31 -2.89
CA SER B 189 4.85 -37.47 -1.63
C SER B 189 4.13 -36.92 -0.41
N ALA B 190 3.74 -35.65 -0.47
CA ALA B 190 3.06 -35.00 0.65
C ALA B 190 1.54 -35.23 0.65
N THR B 191 0.94 -35.32 -0.52
CA THR B 191 -0.50 -35.51 -0.62
C THR B 191 -0.98 -36.79 0.02
N GLN B 192 -0.61 -37.91 -0.59
CA GLN B 192 -1.04 -39.21 -0.09
C GLN B 192 -0.43 -39.52 1.27
N ASP B 193 0.58 -38.75 1.65
CA ASP B 193 1.22 -38.92 2.95
C ASP B 193 0.27 -38.34 3.97
N ILE B 194 -0.17 -37.11 3.72
CA ILE B 194 -1.09 -36.41 4.60
C ILE B 194 -2.44 -37.15 4.60
N GLU B 195 -2.86 -37.62 3.43
CA GLU B 195 -4.12 -38.34 3.32
C GLU B 195 -4.12 -39.56 4.24
N GLN B 196 -2.98 -40.24 4.33
CA GLN B 196 -2.88 -41.43 5.17
C GLN B 196 -2.77 -41.15 6.67
N HIS B 197 -2.71 -39.86 7.02
CA HIS B 197 -2.63 -39.46 8.43
C HIS B 197 -4.03 -39.06 8.84
N PHE B 198 -4.49 -37.98 8.21
CA PHE B 198 -5.83 -37.45 8.46
C PHE B 198 -6.73 -38.15 7.45
N LYS B 199 -7.05 -39.40 7.73
CA LYS B 199 -7.90 -40.19 6.84
C LYS B 199 -9.37 -40.23 7.25
N ASP B 200 -9.70 -39.57 8.36
CA ASP B 200 -11.08 -39.52 8.84
C ASP B 200 -11.36 -38.34 9.78
N ARG B 201 -12.63 -37.99 9.91
CA ARG B 201 -13.04 -36.90 10.78
C ARG B 201 -12.47 -37.06 12.19
N GLU B 202 -12.50 -38.30 12.66
CA GLU B 202 -11.98 -38.62 13.97
C GLU B 202 -10.57 -38.05 14.10
N ILE B 203 -9.61 -38.64 13.38
CA ILE B 203 -8.21 -38.21 13.42
C ILE B 203 -8.01 -36.71 13.19
N LEU B 204 -8.76 -36.14 12.25
CA LEU B 204 -8.64 -34.72 11.95
C LEU B 204 -9.02 -33.91 13.18
N GLN B 205 -10.29 -33.97 13.53
CA GLN B 205 -10.86 -33.26 14.68
C GLN B 205 -9.96 -33.33 15.90
N SER B 206 -9.13 -34.37 15.96
CA SER B 206 -8.22 -34.57 17.08
C SER B 206 -6.97 -33.69 17.04
N LEU B 207 -6.73 -33.06 15.89
CA LEU B 207 -5.57 -32.17 15.70
C LEU B 207 -4.24 -32.90 15.82
N ASN B 208 -4.30 -34.21 16.02
CA ASN B 208 -3.09 -35.01 16.18
C ASN B 208 -2.19 -34.93 14.96
N GLY B 209 -0.94 -34.53 15.19
CA GLY B 209 0.00 -34.44 14.11
C GLY B 209 -0.30 -33.32 13.14
N MET B 210 -0.95 -32.26 13.62
CA MET B 210 -1.23 -31.14 12.75
C MET B 210 0.00 -30.26 12.74
N ASP B 211 0.78 -30.34 13.83
CA ASP B 211 2.00 -29.56 13.95
C ASP B 211 2.84 -29.82 12.71
N LYS B 212 3.10 -31.10 12.45
CA LYS B 212 3.90 -31.53 11.31
C LYS B 212 3.44 -30.93 9.98
N TYR B 213 2.18 -31.17 9.64
CA TYR B 213 1.62 -30.72 8.37
C TYR B 213 1.48 -29.22 8.15
N ILE B 214 1.14 -28.48 9.20
CA ILE B 214 1.04 -27.04 9.07
C ILE B 214 2.43 -26.52 8.73
N ALA B 215 3.39 -26.83 9.59
CA ALA B 215 4.78 -26.41 9.40
C ALA B 215 5.26 -26.60 7.97
N LYS B 216 4.87 -27.69 7.33
CA LYS B 216 5.32 -27.90 5.97
C LYS B 216 4.53 -27.04 4.99
N GLY B 217 3.20 -27.06 5.12
CA GLY B 217 2.37 -26.27 4.23
C GLY B 217 2.88 -24.85 4.14
N ILE B 218 3.30 -24.31 5.28
CA ILE B 218 3.84 -22.94 5.36
C ILE B 218 5.15 -22.84 4.57
N GLU B 219 6.12 -23.66 4.95
CA GLU B 219 7.42 -23.66 4.31
C GLU B 219 7.21 -23.76 2.80
N THR B 220 6.33 -24.67 2.40
CA THR B 220 6.00 -24.87 0.98
C THR B 220 5.73 -23.50 0.36
N LYS B 221 4.78 -22.77 0.94
CA LYS B 221 4.44 -21.45 0.45
C LYS B 221 5.65 -20.54 0.57
N LEU B 222 6.23 -20.50 1.77
CA LEU B 222 7.41 -19.69 2.06
C LEU B 222 8.35 -19.65 0.86
N ASP B 223 8.46 -20.78 0.17
CA ASP B 223 9.34 -20.85 -0.98
C ASP B 223 8.70 -20.14 -2.18
N ILE B 224 7.43 -20.44 -2.45
CA ILE B 224 6.76 -19.80 -3.56
C ILE B 224 6.77 -18.28 -3.40
N VAL B 225 6.24 -17.80 -2.26
CA VAL B 225 6.19 -16.35 -1.99
C VAL B 225 7.55 -15.68 -2.10
N VAL B 226 8.55 -16.22 -1.37
CA VAL B 226 9.89 -15.66 -1.40
C VAL B 226 10.38 -15.56 -2.84
N ALA B 227 9.78 -16.35 -3.72
CA ALA B 227 10.14 -16.33 -5.12
C ALA B 227 9.28 -15.28 -5.81
N ASP B 228 8.14 -15.72 -6.31
CA ASP B 228 7.21 -14.84 -7.00
C ASP B 228 6.38 -14.10 -5.94
N GLU B 229 6.93 -13.02 -5.39
CA GLU B 229 6.26 -12.25 -4.35
C GLU B 229 5.01 -11.51 -4.78
N LYS B 230 5.08 -10.78 -5.90
CA LYS B 230 3.93 -10.03 -6.40
C LYS B 230 3.00 -10.84 -7.31
N GLU B 231 3.00 -12.16 -7.12
CA GLU B 231 2.16 -13.05 -7.90
C GLU B 231 2.23 -12.76 -9.40
N GLN B 232 3.42 -12.97 -9.97
CA GLN B 232 3.62 -12.75 -11.40
C GLN B 232 3.78 -14.09 -12.09
N GLY B 233 4.20 -15.09 -11.32
CA GLY B 233 4.39 -16.43 -11.87
C GLY B 233 3.83 -17.56 -11.03
N VAL B 234 4.70 -18.15 -10.20
CA VAL B 234 4.29 -19.27 -9.35
C VAL B 234 3.33 -18.93 -8.22
N ARG B 235 3.40 -17.72 -7.67
CA ARG B 235 2.49 -17.37 -6.59
C ARG B 235 1.05 -17.51 -7.09
N LYS B 236 0.90 -17.62 -8.41
CA LYS B 236 -0.42 -17.79 -9.03
C LYS B 236 -0.97 -19.17 -8.74
N PHE B 237 -0.08 -20.10 -8.36
CA PHE B 237 -0.49 -21.47 -8.06
C PHE B 237 -1.28 -21.54 -6.77
N LEU B 238 -0.84 -20.80 -5.77
CA LEU B 238 -1.52 -20.78 -4.49
C LEU B 238 -3.02 -20.51 -4.64
N ASN B 239 -3.43 -20.05 -5.81
CA ASN B 239 -4.84 -19.77 -6.08
C ASN B 239 -5.53 -21.04 -6.57
N LEU B 240 -5.06 -22.19 -6.09
CA LEU B 240 -5.62 -23.46 -6.50
C LEU B 240 -7.05 -23.67 -6.00
N GLY B 241 -7.98 -23.79 -6.93
CA GLY B 241 -9.37 -24.01 -6.57
C GLY B 241 -10.09 -22.82 -5.97
N HIS B 242 -9.47 -21.65 -5.99
CA HIS B 242 -10.10 -20.45 -5.44
C HIS B 242 -10.94 -19.82 -6.54
N THR B 243 -10.52 -20.08 -7.78
CA THR B 243 -11.22 -19.57 -8.94
C THR B 243 -12.69 -19.87 -8.72
N PHE B 244 -12.95 -21.11 -8.29
CA PHE B 244 -14.30 -21.59 -8.05
C PHE B 244 -14.61 -21.42 -6.56
N GLY B 245 -13.57 -21.45 -5.74
CA GLY B 245 -13.76 -21.29 -4.30
C GLY B 245 -14.26 -19.87 -4.04
N HIS B 246 -13.37 -18.90 -4.14
CA HIS B 246 -13.70 -17.49 -3.93
C HIS B 246 -15.13 -17.16 -4.36
N ALA B 247 -15.56 -17.79 -5.45
CA ALA B 247 -16.89 -17.57 -5.97
C ALA B 247 -17.92 -18.20 -5.03
N VAL B 248 -18.00 -19.53 -5.06
CA VAL B 248 -18.93 -20.31 -4.23
C VAL B 248 -18.99 -19.83 -2.77
N GLU B 249 -17.89 -19.25 -2.29
CA GLU B 249 -17.80 -18.76 -0.93
C GLU B 249 -18.63 -17.48 -0.75
N TYR B 250 -18.14 -16.39 -1.33
CA TYR B 250 -18.82 -15.09 -1.24
C TYR B 250 -20.27 -15.22 -1.69
N TYR B 251 -20.59 -16.35 -2.30
CA TYR B 251 -21.94 -16.61 -2.82
C TYR B 251 -22.75 -17.63 -2.00
N HIS B 252 -22.14 -18.23 -0.98
CA HIS B 252 -22.79 -19.20 -0.11
C HIS B 252 -22.36 -18.95 1.33
N LYS B 253 -21.49 -17.96 1.49
CA LYS B 253 -20.92 -17.59 2.78
C LYS B 253 -20.59 -18.79 3.67
N ILE B 254 -19.97 -19.81 3.08
CA ILE B 254 -19.54 -21.00 3.81
C ILE B 254 -18.13 -20.64 4.28
N PRO B 255 -17.51 -21.48 5.12
CA PRO B 255 -16.16 -21.12 5.54
C PRO B 255 -15.24 -21.21 4.32
N HIS B 256 -14.27 -20.31 4.26
CA HIS B 256 -13.32 -20.28 3.16
C HIS B 256 -12.92 -21.67 2.66
N GLY B 257 -12.31 -22.45 3.55
CA GLY B 257 -11.86 -23.79 3.21
C GLY B 257 -12.91 -24.67 2.55
N HIS B 258 -14.14 -24.60 3.03
CA HIS B 258 -15.22 -25.40 2.47
C HIS B 258 -15.33 -25.14 0.97
N ALA B 259 -15.34 -23.87 0.59
CA ALA B 259 -15.44 -23.46 -0.81
C ALA B 259 -14.18 -23.86 -1.58
N VAL B 260 -13.02 -23.69 -0.93
CA VAL B 260 -11.76 -24.04 -1.55
C VAL B 260 -11.85 -25.50 -1.97
N MET B 261 -12.01 -26.37 -0.98
CA MET B 261 -12.12 -27.81 -1.25
C MET B 261 -12.99 -28.00 -2.47
N VAL B 262 -14.24 -27.57 -2.38
CA VAL B 262 -15.15 -27.70 -3.50
C VAL B 262 -14.47 -27.26 -4.78
N GLY B 263 -14.01 -26.01 -4.80
CA GLY B 263 -13.34 -25.52 -5.99
C GLY B 263 -12.19 -26.42 -6.37
N ILE B 264 -11.49 -26.95 -5.38
CA ILE B 264 -10.34 -27.84 -5.62
C ILE B 264 -10.71 -29.08 -6.40
N ILE B 265 -11.94 -29.55 -6.20
CA ILE B 265 -12.40 -30.73 -6.93
C ILE B 265 -12.77 -30.25 -8.30
N TYR B 266 -13.50 -29.14 -8.32
CA TYR B 266 -13.92 -28.54 -9.57
C TYR B 266 -12.71 -28.49 -10.49
N GLN B 267 -11.63 -27.90 -10.01
CA GLN B 267 -10.40 -27.78 -10.78
C GLN B 267 -10.10 -29.10 -11.48
N PHE B 268 -10.00 -30.17 -10.69
CA PHE B 268 -9.73 -31.50 -11.22
C PHE B 268 -10.70 -31.84 -12.33
N ILE B 269 -12.00 -31.77 -12.02
CA ILE B 269 -13.05 -32.08 -13.00
C ILE B 269 -12.73 -31.41 -14.33
N VAL B 270 -12.25 -30.17 -14.25
CA VAL B 270 -11.90 -29.39 -15.43
C VAL B 270 -10.57 -29.83 -16.04
N ALA B 271 -9.67 -30.35 -15.21
CA ALA B 271 -8.39 -30.82 -15.71
C ALA B 271 -8.71 -31.96 -16.69
N ASN B 272 -9.62 -32.83 -16.28
CA ASN B 272 -10.02 -33.97 -17.10
C ASN B 272 -10.70 -33.52 -18.40
N ALA B 273 -11.65 -32.60 -18.29
CA ALA B 273 -12.37 -32.11 -19.47
C ALA B 273 -11.45 -31.39 -20.45
N LEU B 274 -10.25 -31.05 -19.98
CA LEU B 274 -9.30 -30.37 -20.85
C LEU B 274 -8.21 -31.32 -21.31
N PHE B 275 -7.32 -31.70 -20.40
CA PHE B 275 -6.21 -32.58 -20.73
C PHE B 275 -6.53 -34.06 -20.54
N ASP B 276 -7.80 -34.37 -20.33
CA ASP B 276 -8.20 -35.76 -20.09
C ASP B 276 -7.23 -36.37 -19.08
N SER B 277 -7.11 -35.72 -17.93
CA SER B 277 -6.22 -36.18 -16.88
C SER B 277 -6.87 -37.40 -16.22
N LYS B 278 -6.08 -38.21 -15.53
CA LYS B 278 -6.62 -39.39 -14.88
C LYS B 278 -6.90 -39.08 -13.42
N HIS B 279 -7.76 -38.09 -13.20
CA HIS B 279 -8.14 -37.67 -11.85
C HIS B 279 -9.32 -38.47 -11.34
N ASP B 280 -9.12 -39.16 -10.22
CA ASP B 280 -10.15 -39.97 -9.63
C ASP B 280 -11.03 -39.07 -8.75
N ILE B 281 -11.95 -38.37 -9.38
CA ILE B 281 -12.85 -37.48 -8.66
C ILE B 281 -13.43 -38.21 -7.45
N SER B 282 -14.06 -39.34 -7.71
CA SER B 282 -14.66 -40.16 -6.66
C SER B 282 -13.73 -40.36 -5.46
N HIS B 283 -12.42 -40.35 -5.69
CA HIS B 283 -11.46 -40.54 -4.62
C HIS B 283 -11.39 -39.31 -3.73
N TYR B 284 -11.40 -38.15 -4.36
CA TYR B 284 -11.32 -36.91 -3.62
C TYR B 284 -12.65 -36.65 -2.91
N ILE B 285 -13.74 -37.13 -3.49
CA ILE B 285 -15.05 -36.96 -2.89
C ILE B 285 -15.13 -37.78 -1.58
N GLN B 286 -14.77 -39.06 -1.65
CA GLN B 286 -14.80 -39.90 -0.46
C GLN B 286 -13.86 -39.35 0.60
N TYR B 287 -12.81 -38.68 0.16
CA TYR B 287 -11.86 -38.10 1.10
C TYR B 287 -12.54 -37.00 1.92
N LEU B 288 -13.36 -36.18 1.26
CA LEU B 288 -14.06 -35.09 1.94
C LEU B 288 -15.19 -35.62 2.82
N ILE B 289 -15.72 -36.78 2.46
CA ILE B 289 -16.77 -37.40 3.24
C ILE B 289 -16.14 -38.00 4.47
N GLN B 290 -15.08 -38.77 4.26
CA GLN B 290 -14.36 -39.41 5.34
C GLN B 290 -13.83 -38.36 6.32
N LEU B 291 -13.52 -37.18 5.79
CA LEU B 291 -13.01 -36.09 6.60
C LEU B 291 -14.10 -35.35 7.36
N GLY B 292 -15.33 -35.42 6.87
CA GLY B 292 -16.43 -34.75 7.55
C GLY B 292 -16.93 -33.44 6.94
N TYR B 293 -16.50 -33.14 5.73
CA TYR B 293 -16.94 -31.91 5.07
C TYR B 293 -18.43 -31.97 4.75
N PRO B 294 -19.16 -30.85 4.93
CA PRO B 294 -20.59 -30.71 4.68
C PRO B 294 -21.11 -31.53 3.50
N LEU B 295 -20.94 -31.01 2.29
CA LEU B 295 -21.35 -31.73 1.08
C LEU B 295 -22.83 -31.71 0.73
N ASP B 296 -23.44 -30.53 0.70
CA ASP B 296 -24.85 -30.46 0.35
C ASP B 296 -25.10 -29.32 -0.64
N MET B 297 -24.20 -28.34 -0.66
CA MET B 297 -24.34 -27.21 -1.57
C MET B 297 -23.93 -27.62 -2.98
N MET B 310 -17.25 -15.33 -10.69
CA MET B 310 -15.96 -15.84 -11.17
C MET B 310 -15.35 -14.92 -12.20
N LEU B 311 -16.17 -14.07 -12.79
CA LEU B 311 -15.69 -13.15 -13.81
C LEU B 311 -15.27 -11.81 -13.18
N SER B 312 -14.11 -11.80 -12.54
CA SER B 312 -13.59 -10.59 -11.90
C SER B 312 -12.35 -10.93 -11.08
N ASP B 313 -11.96 -12.21 -11.10
CA ASP B 313 -10.81 -12.75 -10.37
C ASP B 313 -9.51 -11.92 -10.46
N LYS B 314 -8.44 -12.42 -9.84
CA LYS B 314 -7.14 -11.73 -9.82
C LYS B 314 -6.10 -12.32 -10.77
N LYS B 315 -6.28 -13.58 -11.16
CA LYS B 315 -5.36 -14.22 -12.09
C LYS B 315 -5.85 -13.94 -13.50
N ASN B 316 -7.12 -13.54 -13.57
CA ASN B 316 -7.81 -13.22 -14.84
C ASN B 316 -7.13 -12.20 -15.75
N ASP B 317 -7.24 -12.45 -17.05
CA ASP B 317 -6.70 -11.58 -18.07
C ASP B 317 -7.83 -11.34 -19.06
N LYS B 318 -8.05 -10.09 -19.48
CA LYS B 318 -9.13 -9.78 -20.41
C LYS B 318 -9.18 -10.74 -21.59
N GLN B 319 -10.04 -11.75 -21.48
CA GLN B 319 -10.24 -12.77 -22.49
C GLN B 319 -11.16 -13.82 -21.88
N GLY B 320 -11.03 -13.95 -20.57
CA GLY B 320 -11.84 -14.92 -19.84
C GLY B 320 -11.13 -15.50 -18.65
N VAL B 321 -11.85 -16.30 -17.90
CA VAL B 321 -11.35 -16.95 -16.69
C VAL B 321 -9.98 -17.59 -16.85
N GLN B 322 -9.19 -17.48 -15.79
CA GLN B 322 -7.84 -18.06 -15.73
C GLN B 322 -7.82 -18.93 -14.47
N MET B 323 -7.66 -20.23 -14.65
CA MET B 323 -7.63 -21.13 -13.51
C MET B 323 -6.26 -21.73 -13.29
N VAL B 324 -6.02 -22.15 -12.05
CA VAL B 324 -4.77 -22.80 -11.70
C VAL B 324 -5.15 -24.25 -11.76
N LEU B 325 -4.87 -24.89 -12.89
CA LEU B 325 -5.21 -26.30 -13.09
C LEU B 325 -4.02 -27.26 -12.96
N MET B 326 -4.29 -28.40 -12.33
CA MET B 326 -3.28 -29.42 -12.13
C MET B 326 -3.49 -30.53 -13.15
N ARG B 327 -2.49 -30.79 -13.98
CA ARG B 327 -2.59 -31.85 -14.97
C ARG B 327 -2.01 -33.10 -14.34
N GLN B 328 -1.15 -32.88 -13.34
CA GLN B 328 -0.51 -33.95 -12.57
C GLN B 328 0.44 -33.35 -11.56
N PHE B 329 0.60 -34.03 -10.44
CA PHE B 329 1.49 -33.58 -9.38
C PHE B 329 2.80 -33.11 -10.01
N GLY B 330 3.27 -31.93 -9.61
CA GLY B 330 4.49 -31.40 -10.15
C GLY B 330 4.28 -30.92 -11.58
N ASP B 331 3.08 -30.44 -11.86
CA ASP B 331 2.75 -29.96 -13.18
C ASP B 331 1.48 -29.13 -13.13
N ILE B 332 1.58 -27.98 -12.48
CA ILE B 332 0.47 -27.06 -12.36
C ILE B 332 0.56 -26.02 -13.46
N VAL B 333 -0.58 -25.53 -13.93
CA VAL B 333 -0.59 -24.53 -14.97
C VAL B 333 -1.72 -23.53 -14.73
N VAL B 334 -1.78 -22.52 -15.58
CA VAL B 334 -2.81 -21.49 -15.49
C VAL B 334 -3.25 -21.22 -16.92
N GLN B 335 -4.54 -20.98 -17.13
CA GLN B 335 -5.01 -20.69 -18.48
C GLN B 335 -6.51 -20.42 -18.60
N HIS B 336 -6.88 -19.89 -19.75
CA HIS B 336 -8.28 -19.58 -20.04
C HIS B 336 -9.10 -20.86 -20.00
N VAL B 337 -10.42 -20.70 -19.95
CA VAL B 337 -11.37 -21.81 -19.93
C VAL B 337 -12.73 -21.28 -20.38
N ASP B 338 -13.21 -21.80 -21.50
CA ASP B 338 -14.51 -21.41 -22.05
C ASP B 338 -15.58 -21.75 -21.03
N GLN B 339 -16.61 -20.91 -20.91
CA GLN B 339 -17.65 -21.20 -19.94
C GLN B 339 -18.17 -22.61 -20.22
N LEU B 340 -17.94 -23.06 -21.45
CA LEU B 340 -18.34 -24.39 -21.90
C LEU B 340 -17.79 -25.46 -20.96
N THR B 341 -16.46 -25.52 -20.83
CA THR B 341 -15.84 -26.49 -19.95
C THR B 341 -16.36 -26.26 -18.54
N LEU B 342 -16.33 -25.00 -18.10
CA LEU B 342 -16.80 -24.63 -16.76
C LEU B 342 -18.20 -25.13 -16.46
N GLN B 343 -18.89 -25.61 -17.48
CA GLN B 343 -20.24 -26.10 -17.29
C GLN B 343 -20.19 -27.58 -16.93
N HIS B 344 -19.86 -28.41 -17.90
CA HIS B 344 -19.78 -29.85 -17.69
C HIS B 344 -19.19 -30.21 -16.33
N ALA B 345 -18.17 -29.47 -15.92
CA ALA B 345 -17.52 -29.70 -14.63
C ALA B 345 -18.50 -29.34 -13.51
N CYS B 346 -18.99 -28.11 -13.53
CA CYS B 346 -19.93 -27.63 -12.54
C CYS B 346 -21.29 -28.31 -12.72
N GLU B 347 -21.28 -29.41 -13.47
CA GLU B 347 -22.49 -30.19 -13.74
C GLU B 347 -22.13 -31.63 -13.44
N GLN B 348 -20.90 -32.01 -13.75
CA GLN B 348 -20.43 -33.36 -13.49
C GLN B 348 -20.37 -33.42 -11.96
N LEU B 349 -20.08 -32.27 -11.36
CA LEU B 349 -19.98 -32.14 -9.92
C LEU B 349 -21.37 -32.20 -9.29
N LYS B 350 -22.38 -31.86 -10.09
CA LYS B 350 -23.77 -31.88 -9.66
C LYS B 350 -24.28 -33.31 -9.48
N THR B 351 -23.53 -34.25 -10.04
CA THR B 351 -23.88 -35.65 -9.96
C THR B 351 -23.40 -36.23 -8.64
N TYR B 352 -23.38 -35.38 -7.62
CA TYR B 352 -22.94 -35.80 -6.30
C TYR B 352 -23.92 -35.36 -5.20
ZN ZN C . 5.93 19.89 0.01
PA NAD D . -3.41 20.84 -6.86
O1A NAD D . -3.79 19.54 -7.42
O2A NAD D . -4.44 21.29 -5.90
O5B NAD D . -3.24 21.92 -8.05
C5B NAD D . -3.36 23.35 -7.71
C4B NAD D . -4.55 23.94 -8.45
O4B NAD D . -4.27 24.19 -9.85
C3B NAD D . -5.84 23.14 -8.50
O3B NAD D . -7.02 23.99 -8.34
C2B NAD D . -5.87 22.49 -9.91
O2B NAD D . -7.19 22.20 -10.35
C1B NAD D . -5.19 23.51 -10.72
N9A NAD D . -4.27 23.15 -11.79
C8A NAD D . -3.56 21.96 -11.85
N7A NAD D . -2.90 21.88 -13.00
C5A NAD D . -3.05 23.13 -13.59
C6A NAD D . -2.48 23.70 -14.76
N6A NAD D . -1.55 23.14 -15.50
N1A NAD D . -2.95 24.97 -15.12
C2A NAD D . -3.83 25.62 -14.29
N3A NAD D . -4.42 25.18 -13.16
C4A NAD D . -3.94 23.89 -12.87
O3 NAD D . -2.02 20.68 -6.07
PN NAD D . -0.48 21.01 -6.34
O1N NAD D . -0.12 20.61 -7.69
O2N NAD D . -0.25 22.48 -6.19
O5D NAD D . 0.42 20.22 -5.25
C5D NAD D . 0.11 20.17 -3.85
C4D NAD D . -0.22 18.73 -3.42
O4D NAD D . 0.95 17.87 -3.61
C3D NAD D . -0.62 18.59 -1.94
O3D NAD D . -1.81 17.83 -1.90
C2D NAD D . 0.58 17.93 -1.28
O2D NAD D . 0.28 17.19 -0.08
C1D NAD D . 1.15 17.07 -2.39
N1N NAD D . 2.60 16.83 -2.34
C2N NAD D . 2.92 15.49 -2.25
C3N NAD D . 4.22 15.08 -2.58
C7N NAD D . 4.63 13.57 -2.66
O7N NAD D . 3.75 12.70 -2.75
N7N NAD D . 5.94 13.25 -2.63
C4N NAD D . 5.28 16.02 -2.86
C5N NAD D . 4.88 17.39 -2.77
C6N NAD D . 3.63 17.85 -2.40
C1 CRB E . 9.26 13.58 -0.10
O11 CRB E . 9.95 12.76 0.61
O12 CRB E . 9.07 13.48 -1.32
C2 CRB E . 8.63 14.77 0.68
O2 CRB E . 9.33 14.94 1.91
C3 CRB E . 8.69 16.12 -0.08
C4 CRB E . 7.73 17.19 0.46
O4 CRB E . 7.68 18.33 -0.43
C5 CRB E . 6.29 16.58 0.63
O5 CRB E . 5.42 17.57 1.06
C6 CRB E . 6.37 15.36 1.59
C7 CRB E . 5.03 14.75 2.01
C8 CRB E . 7.17 14.30 0.98
P1 CRB E . 4.90 13.97 3.66
O91 CRB E . 5.68 14.79 4.62
O92 CRB E . 5.47 12.59 3.40
O93 CRB E . 3.35 13.98 3.94
ZN ZN F . -7.37 -19.41 0.35
PA NAD G . -11.62 -15.72 10.53
O1A NAD G . -10.89 -14.53 11.01
O2A NAD G . -12.99 -15.35 10.17
O5B NAD G . -11.63 -16.85 11.69
C5B NAD G . -12.67 -17.89 11.64
C4B NAD G . -13.54 -17.79 12.89
O4B NAD G . -12.91 -18.34 14.05
C3B NAD G . -13.97 -16.40 13.36
O3B NAD G . -15.35 -16.38 13.81
C2B NAD G . -13.02 -16.06 14.53
O2B NAD G . -13.59 -15.12 15.45
C1B NAD G . -12.80 -17.39 15.14
N9A NAD G . -11.50 -17.78 15.65
C8A NAD G . -10.28 -17.25 15.24
N7A NAD G . -9.30 -17.74 15.97
C5A NAD G . -9.88 -18.73 16.75
C6A NAD G . -9.34 -19.69 17.64
N6A NAD G . -8.04 -19.88 17.84
N1A NAD G . -10.24 -20.49 18.35
C2A NAD G . -11.58 -20.37 18.06
N3A NAD G . -12.20 -19.53 17.23
C4A NAD G . -11.25 -18.72 16.59
O3 NAD G . -10.88 -16.29 9.22
PN NAD G . -9.89 -17.49 8.88
O1N NAD G . -8.84 -17.57 9.88
O2N NAD G . -10.64 -18.78 8.86
O5D NAD G . -9.24 -17.21 7.41
C5D NAD G . -10.01 -16.81 6.27
C4D NAD G . -9.59 -15.40 5.83
O4D NAD G . -8.19 -15.42 5.37
C3D NAD G . -10.40 -14.83 4.65
O3D NAD G . -10.81 -13.52 5.00
C2D NAD G . -9.45 -14.91 3.45
O2D NAD G . -9.75 -13.95 2.42
C1D NAD G . -8.10 -14.71 4.09
N1N NAD G . -6.96 -15.35 3.41
C2N NAD G . -5.99 -14.44 3.00
C3N NAD G . -4.71 -14.90 2.69
C7N NAD G . -3.53 -13.94 2.38
O7N NAD G . -3.60 -12.75 2.70
N7N NAD G . -2.42 -14.44 1.75
C4N NAD G . -4.39 -16.32 2.64
C5N NAD G . -5.51 -17.16 2.92
C6N NAD G . -6.80 -16.77 3.17
C1 CRB H . -1.35 -16.27 -1.84
O11 CRB H . -0.68 -15.92 -2.88
O12 CRB H . -0.91 -16.26 -0.67
C2 CRB H . -2.79 -16.76 -2.11
O2 CRB H . -2.92 -17.13 -3.48
C3 CRB H . -3.21 -17.98 -1.25
C4 CRB H . -4.73 -18.20 -1.18
O4 CRB H . -5.05 -19.22 -0.21
C5 CRB H . -5.46 -16.86 -0.83
O5 CRB H . -6.82 -17.10 -0.72
C6 CRB H . -5.10 -15.79 -1.90
C7 CRB H . -5.86 -14.46 -1.80
C8 CRB H . -3.67 -15.48 -1.82
P1 CRB H . -6.19 -13.54 -3.35
O91 CRB H . -6.51 -14.51 -4.40
O92 CRB H . -4.88 -12.79 -3.55
O93 CRB H . -7.40 -12.60 -2.95
#